data_4GA7
#
_entry.id   4GA7
#
_cell.length_a   67.339
_cell.length_b   67.339
_cell.length_c   180.288
_cell.angle_alpha   90.00
_cell.angle_beta   90.00
_cell.angle_gamma   90.00
#
_symmetry.space_group_name_H-M   'P 41'
#
loop_
_entity.id
_entity.type
_entity.pdbx_description
1 polymer 'Leukocyte elastase inhibitor'
2 water water
#
_entity_poly.entity_id   1
_entity_poly.type   'polypeptide(L)'
_entity_poly.pdbx_seq_one_letter_code
;MGHHHHHHSGMEQLSSANTRFALDLFLALSENNPAGNIFISPFSISSAMAMVFLGTRGNTAAQLSKTFHFNTVEEVHSRF
QSLNADINKRGASYILKLANRLYGEKTYNFLPEFLVSTQKTYGADLASVDFQHASEDARKTINQWVKGQTEGKIPELLAS
GMVDNMTKLVLVNAIYFKGNWKDKFMKEATTNAPFRLNKKDRKTVKMMYQKKKFAYGYIEDLKCRVLELPYQGEELSMVI
LLPDDIEDESTGLKKIEEQLTLEKLHEWTKPENLDFIEVNVSLPRFKLEESYTLNSDLARLGVQDLFNSSKADLSGMSGA
RDIFISKIVHKSFVEVNEEGTEAAAATAGIATFCMDDPEENFTADHPFLFFIRHNSSGSILFLGRFSSP
;
_entity_poly.pdbx_strand_id   A,B
#
# COMPACT_ATOMS: atom_id res chain seq x y z
N MET A 11 -31.60 18.52 -18.07
CA MET A 11 -30.92 17.24 -17.72
C MET A 11 -30.44 17.26 -16.26
N GLU A 12 -29.78 18.36 -15.87
CA GLU A 12 -29.29 18.57 -14.51
C GLU A 12 -29.67 19.96 -13.98
N GLN A 13 -30.74 20.53 -14.52
CA GLN A 13 -31.33 21.75 -14.00
C GLN A 13 -32.23 21.38 -12.84
N LEU A 14 -32.91 20.25 -13.00
CA LEU A 14 -33.84 19.72 -12.03
C LEU A 14 -33.10 19.33 -10.77
N SER A 15 -31.94 18.71 -10.97
CA SER A 15 -31.03 18.32 -9.91
C SER A 15 -30.68 19.53 -9.03
N SER A 16 -30.38 20.64 -9.67
CA SER A 16 -30.06 21.90 -9.00
C SER A 16 -31.29 22.51 -8.31
N ALA A 17 -32.42 22.53 -9.01
CA ALA A 17 -33.69 23.01 -8.47
C ALA A 17 -34.05 22.28 -7.18
N ASN A 18 -34.12 20.95 -7.27
CA ASN A 18 -34.53 20.10 -6.16
C ASN A 18 -33.67 20.19 -4.89
N THR A 19 -32.38 20.44 -5.05
CA THR A 19 -31.48 20.57 -3.90
C THR A 19 -31.60 21.94 -3.24
N ARG A 20 -31.74 22.99 -4.06
CA ARG A 20 -32.04 24.32 -3.54
C ARG A 20 -33.23 24.22 -2.61
N PHE A 21 -34.30 23.61 -3.10
CA PHE A 21 -35.52 23.44 -2.31
C PHE A 21 -35.30 22.56 -1.10
N ALA A 22 -34.44 21.55 -1.24
CA ALA A 22 -34.13 20.64 -0.15
C ALA A 22 -33.58 21.45 1.00
N LEU A 23 -32.61 22.30 0.71
CA LEU A 23 -32.00 23.11 1.74
C LEU A 23 -32.99 24.15 2.30
N ASP A 24 -33.83 24.68 1.42
CA ASP A 24 -34.87 25.63 1.82
C ASP A 24 -35.79 24.97 2.83
N LEU A 25 -36.14 23.72 2.55
CA LEU A 25 -37.06 22.99 3.40
C LEU A 25 -36.39 22.62 4.70
N PHE A 26 -35.16 22.13 4.61
CA PHE A 26 -34.44 21.69 5.78
C PHE A 26 -34.38 22.78 6.83
N LEU A 27 -34.08 24.00 6.37
CA LEU A 27 -33.90 25.12 7.26
C LEU A 27 -35.23 25.63 7.80
N ALA A 28 -36.27 25.57 6.97
CA ALA A 28 -37.63 25.91 7.41
C ALA A 28 -38.04 25.01 8.57
N LEU A 29 -37.80 23.71 8.41
CA LEU A 29 -38.07 22.73 9.45
C LEU A 29 -37.15 22.91 10.66
N SER A 30 -35.95 23.41 10.42
CA SER A 30 -34.99 23.67 11.49
C SER A 30 -35.43 24.83 12.39
N GLU A 31 -36.20 25.76 11.82
CA GLU A 31 -36.76 26.87 12.58
C GLU A 31 -37.64 26.36 13.73
N ASN A 32 -38.31 25.24 13.51
CA ASN A 32 -39.20 24.67 14.52
C ASN A 32 -38.57 23.56 15.35
N ASN A 33 -37.46 23.03 14.87
CA ASN A 33 -36.69 22.04 15.60
C ASN A 33 -35.19 22.26 15.36
N PRO A 34 -34.59 23.25 16.04
CA PRO A 34 -33.16 23.50 15.80
C PRO A 34 -32.20 22.41 16.31
N ALA A 35 -32.61 21.61 17.28
CA ALA A 35 -31.66 20.66 17.92
C ALA A 35 -32.06 19.17 17.86
N GLY A 36 -33.15 18.85 17.19
CA GLY A 36 -33.64 17.49 17.18
C GLY A 36 -33.44 16.79 15.86
N ASN A 37 -33.70 15.49 15.87
CA ASN A 37 -33.67 14.69 14.67
C ASN A 37 -34.59 15.23 13.60
N ILE A 38 -34.05 15.33 12.39
CA ILE A 38 -34.83 15.64 11.22
C ILE A 38 -34.44 14.61 10.21
N PHE A 39 -35.44 14.01 9.56
CA PHE A 39 -35.16 13.16 8.42
C PHE A 39 -36.29 13.30 7.41
N ILE A 40 -35.97 13.89 6.27
CA ILE A 40 -36.92 14.04 5.19
C ILE A 40 -36.39 13.44 3.88
N SER A 41 -37.30 13.23 2.93
CA SER A 41 -36.93 12.87 1.59
C SER A 41 -37.25 14.00 0.61
N PRO A 42 -36.30 14.92 0.39
CA PRO A 42 -36.53 16.09 -0.45
C PRO A 42 -37.01 15.76 -1.87
N PHE A 43 -36.46 14.70 -2.48
CA PHE A 43 -36.81 14.35 -3.85
C PHE A 43 -38.26 13.93 -3.93
N SER A 44 -38.65 12.95 -3.10
CA SER A 44 -40.03 12.47 -3.05
C SER A 44 -41.03 13.62 -3.00
N ILE A 45 -40.78 14.55 -2.08
CA ILE A 45 -41.64 15.71 -1.89
C ILE A 45 -41.66 16.53 -3.17
N SER A 46 -40.47 16.82 -3.69
CA SER A 46 -40.33 17.62 -4.90
C SER A 46 -41.09 16.99 -6.07
N SER A 47 -40.97 15.67 -6.24
CA SER A 47 -41.71 14.95 -7.29
C SER A 47 -43.22 14.93 -7.02
N ALA A 48 -43.61 14.59 -5.80
CA ALA A 48 -45.03 14.62 -5.42
C ALA A 48 -45.67 15.98 -5.73
N MET A 49 -44.92 17.05 -5.46
CA MET A 49 -45.42 18.40 -5.65
C MET A 49 -45.32 18.83 -7.09
N ALA A 50 -44.36 18.24 -7.81
CA ALA A 50 -44.27 18.37 -9.26
C ALA A 50 -45.52 17.77 -9.90
N MET A 51 -46.02 16.69 -9.30
CA MET A 51 -47.23 16.03 -9.77
C MET A 51 -48.46 16.86 -9.46
N VAL A 52 -48.53 17.37 -8.24
CA VAL A 52 -49.59 18.30 -7.85
C VAL A 52 -49.54 19.52 -8.76
N PHE A 53 -48.32 19.88 -9.18
CA PHE A 53 -48.07 21.06 -10.02
C PHE A 53 -48.90 21.08 -11.31
N LEU A 54 -48.87 19.98 -12.07
CA LEU A 54 -49.58 19.95 -13.37
C LEU A 54 -51.12 19.97 -13.29
N GLY A 55 -51.65 20.01 -12.07
CA GLY A 55 -53.10 20.11 -11.88
C GLY A 55 -53.49 21.49 -11.39
N THR A 56 -52.50 22.36 -11.26
CA THR A 56 -52.69 23.70 -10.69
C THR A 56 -52.50 24.78 -11.76
N ARG A 57 -53.32 25.83 -11.67
CA ARG A 57 -53.25 26.94 -12.61
C ARG A 57 -53.18 28.29 -11.87
N GLY A 58 -53.05 29.36 -12.64
CA GLY A 58 -53.04 30.72 -12.09
C GLY A 58 -51.89 30.98 -11.14
N ASN A 59 -52.19 31.71 -10.09
CA ASN A 59 -51.21 32.07 -9.06
C ASN A 59 -50.86 30.87 -8.19
N THR A 60 -51.83 29.97 -8.03
CA THR A 60 -51.65 28.75 -7.24
C THR A 60 -50.52 27.90 -7.84
N ALA A 61 -50.49 27.82 -9.17
CA ALA A 61 -49.41 27.14 -9.89
C ALA A 61 -48.09 27.90 -9.81
N ALA A 62 -48.16 29.22 -9.92
CA ALA A 62 -46.99 30.09 -9.94
C ALA A 62 -46.22 30.01 -8.62
N GLN A 63 -46.91 30.26 -7.51
CA GLN A 63 -46.32 30.20 -6.17
C GLN A 63 -45.60 28.88 -5.97
N LEU A 64 -46.33 27.80 -6.26
CA LEU A 64 -45.81 26.45 -6.19
C LEU A 64 -44.51 26.31 -6.98
N SER A 65 -44.43 27.03 -8.09
CA SER A 65 -43.30 26.88 -9.03
C SER A 65 -42.05 27.63 -8.59
N LYS A 66 -42.23 28.81 -8.01
CA LYS A 66 -41.10 29.62 -7.54
C LYS A 66 -40.52 29.03 -6.26
N THR A 67 -41.40 28.48 -5.43
CA THR A 67 -41.04 27.82 -4.18
C THR A 67 -40.18 26.59 -4.45
N PHE A 68 -40.63 25.74 -5.36
CA PHE A 68 -39.90 24.53 -5.70
C PHE A 68 -38.81 24.75 -6.74
N HIS A 69 -38.68 26.01 -7.17
CA HIS A 69 -37.68 26.45 -8.16
C HIS A 69 -37.86 25.83 -9.54
N PHE A 70 -39.11 25.59 -9.90
CA PHE A 70 -39.44 24.96 -11.18
C PHE A 70 -39.33 25.91 -12.38
N ASN A 71 -39.41 27.22 -12.15
CA ASN A 71 -39.25 28.20 -13.23
C ASN A 71 -37.92 28.02 -13.94
N THR A 72 -37.01 27.33 -13.25
CA THR A 72 -35.62 27.21 -13.65
C THR A 72 -35.40 25.94 -14.49
N VAL A 73 -36.45 25.15 -14.63
CA VAL A 73 -36.33 23.84 -15.29
C VAL A 73 -37.26 23.74 -16.50
N GLU A 74 -36.68 23.43 -17.65
CA GLU A 74 -37.45 23.18 -18.88
C GLU A 74 -37.95 21.74 -18.94
N GLU A 75 -39.21 21.58 -19.35
CA GLU A 75 -39.85 20.26 -19.46
C GLU A 75 -39.82 19.50 -18.14
N VAL A 76 -40.24 20.18 -17.08
CA VAL A 76 -40.19 19.64 -15.70
C VAL A 76 -40.60 18.18 -15.60
N HIS A 77 -41.79 17.87 -16.11
CA HIS A 77 -42.39 16.55 -15.95
C HIS A 77 -41.67 15.50 -16.71
N SER A 78 -41.25 15.85 -17.92
CA SER A 78 -40.47 14.94 -18.76
C SER A 78 -39.22 14.53 -18.02
N ARG A 79 -38.53 15.53 -17.44
CA ARG A 79 -37.32 15.26 -16.67
C ARG A 79 -37.58 14.47 -15.38
N PHE A 80 -38.73 14.69 -14.74
CA PHE A 80 -39.05 13.93 -13.53
C PHE A 80 -39.35 12.46 -13.82
N GLN A 81 -40.16 12.21 -14.85
CA GLN A 81 -40.46 10.85 -15.28
C GLN A 81 -39.16 10.09 -15.58
N SER A 82 -38.18 10.79 -16.12
CA SER A 82 -36.92 10.17 -16.46
C SER A 82 -36.15 9.83 -15.23
N LEU A 83 -36.07 10.75 -14.29
CA LEU A 83 -35.30 10.52 -13.09
C LEU A 83 -35.88 9.43 -12.22
N ASN A 84 -37.17 9.48 -11.97
CA ASN A 84 -37.80 8.47 -11.17
C ASN A 84 -37.51 7.13 -11.76
N ALA A 85 -37.65 7.05 -13.06
CA ALA A 85 -37.40 5.81 -13.74
C ALA A 85 -36.02 5.33 -13.39
N ASP A 86 -35.05 6.22 -13.49
CA ASP A 86 -33.68 5.84 -13.25
C ASP A 86 -33.53 5.33 -11.87
N ILE A 87 -34.24 5.93 -10.95
CA ILE A 87 -33.97 5.67 -9.55
C ILE A 87 -34.70 4.49 -8.98
N ASN A 88 -35.82 4.13 -9.56
CA ASN A 88 -36.55 2.97 -9.09
C ASN A 88 -36.20 1.72 -9.88
N LYS A 89 -35.09 1.80 -10.58
CA LYS A 89 -34.58 0.72 -11.38
C LYS A 89 -34.66 -0.70 -10.80
N ARG A 90 -35.36 -1.57 -11.51
CA ARG A 90 -35.22 -3.01 -11.36
C ARG A 90 -33.80 -3.38 -11.81
N GLY A 91 -33.04 -4.03 -10.94
CA GLY A 91 -33.42 -4.30 -9.55
C GLY A 91 -32.20 -4.05 -8.70
N ALA A 92 -32.30 -3.04 -7.84
CA ALA A 92 -31.15 -2.61 -7.03
C ALA A 92 -30.91 -3.52 -5.84
N SER A 93 -29.75 -3.34 -5.20
CA SER A 93 -29.42 -4.06 -3.98
C SER A 93 -30.22 -3.53 -2.79
N TYR A 94 -30.52 -2.23 -2.82
CA TYR A 94 -31.21 -1.55 -1.74
C TYR A 94 -32.74 -1.60 -1.86
N ILE A 95 -33.41 -1.55 -0.71
CA ILE A 95 -34.87 -1.46 -0.63
C ILE A 95 -35.29 0.01 -0.59
N LEU A 96 -36.04 0.45 -1.60
CA LEU A 96 -36.55 1.82 -1.68
C LEU A 96 -38.03 1.78 -2.04
N LYS A 97 -38.90 1.98 -1.04
CA LYS A 97 -40.35 1.80 -1.25
C LYS A 97 -41.18 3.04 -0.97
N LEU A 98 -41.77 3.59 -2.02
CA LEU A 98 -42.52 4.85 -1.95
C LEU A 98 -44.03 4.67 -2.04
N ALA A 99 -44.72 5.33 -1.13
CA ALA A 99 -46.17 5.41 -1.14
C ALA A 99 -46.53 6.85 -1.46
N ASN A 100 -46.82 7.11 -2.72
CA ASN A 100 -47.14 8.45 -3.17
C ASN A 100 -48.51 8.47 -3.80
N ARG A 101 -49.48 9.04 -3.09
CA ARG A 101 -50.83 9.08 -3.60
C ARG A 101 -51.56 10.34 -3.20
N LEU A 102 -52.59 10.66 -3.97
CA LEU A 102 -53.39 11.84 -3.77
C LEU A 102 -54.82 11.33 -3.57
N TYR A 103 -55.40 11.63 -2.42
CA TYR A 103 -56.76 11.22 -2.13
C TYR A 103 -57.70 12.41 -2.15
N GLY A 104 -58.77 12.31 -2.92
CA GLY A 104 -59.80 13.36 -2.98
C GLY A 104 -61.19 12.84 -2.64
N GLU A 105 -62.02 13.72 -2.08
CA GLU A 105 -63.41 13.40 -1.78
C GLU A 105 -64.14 12.98 -3.05
N LYS A 106 -64.86 11.87 -2.97
CA LYS A 106 -65.45 11.21 -4.14
C LYS A 106 -66.72 11.86 -4.72
N THR A 107 -67.08 13.06 -4.27
CA THR A 107 -68.18 13.80 -4.88
C THR A 107 -67.63 14.84 -5.86
N TYR A 108 -66.40 14.60 -6.33
CA TYR A 108 -65.73 15.52 -7.21
C TYR A 108 -65.37 14.83 -8.52
N ASN A 109 -65.58 15.54 -9.62
CA ASN A 109 -65.29 14.99 -10.95
C ASN A 109 -63.90 15.36 -11.40
N PHE A 110 -62.98 14.43 -11.21
CA PHE A 110 -61.59 14.63 -11.57
C PHE A 110 -61.36 14.32 -13.03
N LEU A 111 -60.71 15.26 -13.71
CA LEU A 111 -60.52 15.20 -15.16
C LEU A 111 -59.67 13.98 -15.56
N PRO A 112 -60.24 13.11 -16.43
CA PRO A 112 -59.61 11.84 -16.78
C PRO A 112 -58.18 11.99 -17.28
N GLU A 113 -57.90 13.07 -18.03
CA GLU A 113 -56.56 13.29 -18.57
C GLU A 113 -55.54 13.55 -17.46
N PHE A 114 -55.97 14.21 -16.39
CA PHE A 114 -55.13 14.41 -15.23
C PHE A 114 -54.82 13.06 -14.58
N LEU A 115 -55.87 12.30 -14.26
CA LEU A 115 -55.74 10.91 -13.83
C LEU A 115 -54.71 10.18 -14.68
N VAL A 116 -54.78 10.39 -16.00
CA VAL A 116 -53.85 9.73 -16.93
C VAL A 116 -52.43 10.27 -16.80
N SER A 117 -52.30 11.60 -16.70
CA SER A 117 -50.99 12.23 -16.57
C SER A 117 -50.20 11.66 -15.38
N THR A 118 -50.81 11.69 -14.20
CA THR A 118 -50.12 11.32 -12.96
C THR A 118 -49.57 9.90 -12.99
N GLN A 119 -50.35 8.94 -13.45
CA GLN A 119 -49.90 7.55 -13.50
C GLN A 119 -48.95 7.25 -14.66
N LYS A 120 -48.88 8.17 -15.63
CA LYS A 120 -47.95 8.02 -16.74
C LYS A 120 -46.64 8.78 -16.51
N THR A 121 -46.75 9.95 -15.88
CA THR A 121 -45.60 10.79 -15.61
C THR A 121 -44.96 10.47 -14.26
N TYR A 122 -45.77 10.02 -13.31
CA TYR A 122 -45.28 9.80 -11.94
C TYR A 122 -45.61 8.44 -11.36
N GLY A 123 -46.36 7.64 -12.11
CA GLY A 123 -46.77 6.32 -11.64
C GLY A 123 -47.61 6.39 -10.38
N ALA A 124 -48.42 7.44 -10.26
CA ALA A 124 -49.23 7.66 -9.07
C ALA A 124 -50.68 7.95 -9.44
N ASP A 125 -51.58 7.74 -8.49
CA ASP A 125 -53.00 7.87 -8.76
C ASP A 125 -53.71 8.87 -7.86
N LEU A 126 -54.76 9.46 -8.41
CA LEU A 126 -55.72 10.19 -7.62
C LEU A 126 -56.85 9.22 -7.36
N ALA A 127 -56.93 8.71 -6.12
CA ALA A 127 -57.97 7.77 -5.74
C ALA A 127 -59.07 8.48 -4.94
N SER A 128 -60.33 8.20 -5.27
CA SER A 128 -61.45 8.88 -4.63
C SER A 128 -62.03 8.11 -3.44
N VAL A 129 -62.35 8.86 -2.38
CA VAL A 129 -62.90 8.33 -1.13
C VAL A 129 -63.96 9.24 -0.51
N ASP A 130 -64.70 8.69 0.46
CA ASP A 130 -65.81 9.40 1.09
C ASP A 130 -65.37 10.10 2.39
N PHE A 131 -64.83 11.31 2.26
CA PHE A 131 -64.45 12.10 3.43
C PHE A 131 -65.70 12.66 4.10
N GLN A 132 -66.62 13.14 3.29
CA GLN A 132 -67.89 13.73 3.75
C GLN A 132 -68.63 12.87 4.77
N HIS A 133 -68.67 11.56 4.55
CA HIS A 133 -69.52 10.68 5.35
C HIS A 133 -68.83 9.51 6.00
N ALA A 134 -67.64 9.18 5.53
CA ALA A 134 -66.93 8.00 6.02
C ALA A 134 -65.41 8.25 6.09
N SER A 135 -65.05 9.32 6.79
CA SER A 135 -63.67 9.76 6.91
C SER A 135 -62.79 8.83 7.76
N GLU A 136 -63.39 8.17 8.76
CA GLU A 136 -62.65 7.23 9.61
C GLU A 136 -62.27 5.98 8.82
N ASP A 137 -63.19 5.48 8.01
CA ASP A 137 -62.91 4.34 7.12
C ASP A 137 -61.95 4.75 6.02
N ALA A 138 -62.21 5.91 5.42
CA ALA A 138 -61.33 6.51 4.41
C ALA A 138 -59.90 6.55 4.96
N ARG A 139 -59.76 7.14 6.14
CA ARG A 139 -58.47 7.26 6.82
C ARG A 139 -57.79 5.90 7.03
N LYS A 140 -58.57 4.89 7.43
CA LYS A 140 -58.05 3.52 7.60
C LYS A 140 -57.67 2.88 6.26
N THR A 141 -58.39 3.26 5.20
CA THR A 141 -58.14 2.78 3.83
C THR A 141 -56.81 3.34 3.31
N ILE A 142 -56.56 4.60 3.63
CA ILE A 142 -55.33 5.29 3.25
C ILE A 142 -54.16 4.64 3.96
N ASN A 143 -54.27 4.51 5.27
CA ASN A 143 -53.25 3.84 6.07
C ASN A 143 -52.93 2.43 5.56
N GLN A 144 -53.98 1.67 5.20
CA GLN A 144 -53.82 0.32 4.65
C GLN A 144 -52.93 0.31 3.41
N TRP A 145 -53.25 1.19 2.47
CA TRP A 145 -52.54 1.26 1.20
C TRP A 145 -51.07 1.61 1.35
N VAL A 146 -50.76 2.61 2.18
CA VAL A 146 -49.36 2.96 2.41
C VAL A 146 -48.62 1.82 3.12
N LYS A 147 -49.28 1.23 4.12
CA LYS A 147 -48.75 0.07 4.84
C LYS A 147 -48.37 -1.04 3.86
N GLY A 148 -49.21 -1.26 2.85
CA GLY A 148 -48.94 -2.23 1.81
C GLY A 148 -47.73 -1.81 1.01
N GLN A 149 -47.72 -0.56 0.57
CA GLN A 149 -46.69 -0.03 -0.31
C GLN A 149 -45.32 -0.01 0.36
N THR A 150 -45.33 -0.01 1.68
CA THR A 150 -44.09 0.10 2.45
C THR A 150 -43.71 -1.21 3.16
N GLU A 151 -44.24 -2.32 2.66
CA GLU A 151 -43.95 -3.65 3.22
C GLU A 151 -44.10 -3.62 4.75
N GLY A 152 -45.22 -3.08 5.20
CA GLY A 152 -45.55 -3.00 6.63
C GLY A 152 -44.69 -2.06 7.46
N LYS A 153 -43.71 -1.41 6.84
CA LYS A 153 -42.77 -0.54 7.56
C LYS A 153 -43.41 0.73 8.10
N ILE A 154 -44.41 1.26 7.39
CA ILE A 154 -45.14 2.44 7.84
C ILE A 154 -46.63 2.10 8.03
N PRO A 155 -46.94 1.35 9.09
CA PRO A 155 -48.30 0.84 9.30
C PRO A 155 -49.41 1.89 9.46
N GLU A 156 -49.14 3.02 10.13
CA GLU A 156 -50.19 4.00 10.41
C GLU A 156 -49.83 5.46 10.10
N LEU A 157 -49.74 5.80 8.81
CA LEU A 157 -49.33 7.15 8.41
C LEU A 157 -50.18 8.27 9.03
N LEU A 158 -51.50 8.14 8.97
CA LEU A 158 -52.38 9.15 9.53
C LEU A 158 -52.96 8.71 10.86
N ALA A 159 -52.73 9.52 11.87
CA ALA A 159 -53.37 9.33 13.17
C ALA A 159 -54.84 9.67 13.04
N SER A 160 -55.64 9.24 14.02
CA SER A 160 -57.03 9.64 14.12
C SER A 160 -57.11 11.16 14.23
N GLY A 161 -58.08 11.76 13.56
CA GLY A 161 -58.29 13.20 13.64
C GLY A 161 -57.60 13.97 12.54
N MET A 162 -56.64 13.33 11.90
CA MET A 162 -55.87 13.90 10.80
C MET A 162 -56.68 14.07 9.54
N VAL A 163 -57.84 13.40 9.46
CA VAL A 163 -58.76 13.46 8.31
C VAL A 163 -60.20 13.46 8.80
N ASP A 164 -60.98 14.49 8.43
CA ASP A 164 -62.38 14.61 8.85
C ASP A 164 -63.40 14.80 7.70
N ASN A 165 -64.61 15.22 8.02
CA ASN A 165 -65.66 15.40 7.00
C ASN A 165 -65.55 16.71 6.22
N MET A 166 -64.58 17.54 6.61
CA MET A 166 -64.29 18.81 5.95
C MET A 166 -63.12 18.68 4.97
N THR A 167 -62.52 17.49 4.94
CA THR A 167 -61.33 17.23 4.12
C THR A 167 -61.67 17.09 2.64
N LYS A 168 -61.00 17.89 1.80
CA LYS A 168 -61.23 17.84 0.37
C LYS A 168 -60.16 17.02 -0.36
N LEU A 169 -58.90 17.38 -0.16
CA LEU A 169 -57.80 16.77 -0.92
C LEU A 169 -56.58 16.55 -0.02
N VAL A 170 -56.01 15.36 -0.10
CA VAL A 170 -54.89 14.98 0.75
C VAL A 170 -53.76 14.40 -0.08
N LEU A 171 -52.54 14.86 0.17
CA LEU A 171 -51.38 14.23 -0.42
C LEU A 171 -50.70 13.36 0.64
N VAL A 172 -50.41 12.12 0.27
CA VAL A 172 -49.64 11.25 1.16
C VAL A 172 -48.33 10.87 0.48
N ASN A 173 -47.26 10.83 1.26
CA ASN A 173 -45.92 10.64 0.71
C ASN A 173 -45.00 10.02 1.74
N ALA A 174 -44.97 8.69 1.76
CA ALA A 174 -44.13 7.97 2.71
C ALA A 174 -43.14 7.08 1.99
N ILE A 175 -41.93 6.98 2.53
CA ILE A 175 -40.86 6.18 1.92
C ILE A 175 -40.03 5.46 2.98
N TYR A 176 -39.63 4.25 2.66
CA TYR A 176 -38.74 3.48 3.51
C TYR A 176 -37.48 3.16 2.72
N PHE A 177 -36.33 3.38 3.34
CA PHE A 177 -35.06 3.03 2.71
C PHE A 177 -34.13 2.23 3.61
N LYS A 178 -33.62 1.15 3.06
CA LYS A 178 -32.60 0.33 3.68
C LYS A 178 -31.76 -0.21 2.54
N GLY A 179 -30.46 0.01 2.61
CA GLY A 179 -29.55 -0.41 1.57
C GLY A 179 -28.35 -1.08 2.20
N ASN A 180 -27.69 -1.95 1.43
CA ASN A 180 -26.47 -2.58 1.90
C ASN A 180 -25.25 -1.73 1.59
N TRP A 181 -24.37 -1.55 2.58
CA TRP A 181 -23.13 -0.83 2.39
C TRP A 181 -22.27 -1.54 1.40
N LYS A 182 -21.53 -0.78 0.60
CA LYS A 182 -20.47 -1.37 -0.24
C LYS A 182 -19.43 -2.07 0.66
N ASP A 183 -19.00 -1.39 1.72
CA ASP A 183 -18.10 -1.99 2.71
C ASP A 183 -18.82 -2.12 4.06
N LYS A 184 -19.23 -3.34 4.39
CA LYS A 184 -20.03 -3.59 5.59
C LYS A 184 -19.25 -3.43 6.87
N PHE A 185 -19.94 -3.09 7.95
CA PHE A 185 -19.36 -3.09 9.28
C PHE A 185 -19.41 -4.50 9.86
N MET A 186 -18.44 -4.82 10.72
CA MET A 186 -18.42 -6.11 11.42
C MET A 186 -19.16 -6.01 12.75
N LYS A 187 -20.16 -6.88 12.94
CA LYS A 187 -20.97 -6.88 14.17
C LYS A 187 -20.15 -7.02 15.45
N GLU A 188 -19.02 -7.74 15.38
CA GLU A 188 -18.13 -7.91 16.53
C GLU A 188 -17.41 -6.61 16.91
N ALA A 189 -17.25 -5.72 15.94
CA ALA A 189 -16.62 -4.40 16.15
C ALA A 189 -17.59 -3.35 16.71
N THR A 190 -18.89 -3.58 16.58
CA THR A 190 -19.88 -2.62 17.06
C THR A 190 -20.07 -2.68 18.58
N THR A 191 -19.76 -1.55 19.22
CA THR A 191 -19.54 -1.45 20.65
C THR A 191 -20.52 -0.47 21.27
N ASN A 192 -20.92 -0.72 22.52
CA ASN A 192 -21.66 0.26 23.30
C ASN A 192 -20.77 1.45 23.59
N ALA A 193 -21.16 2.63 23.11
CA ALA A 193 -20.38 3.86 23.31
C ALA A 193 -21.23 5.13 23.52
N PRO A 194 -20.67 6.13 24.23
CA PRO A 194 -21.33 7.42 24.44
C PRO A 194 -21.48 8.29 23.18
N PHE A 195 -22.72 8.69 22.91
CA PHE A 195 -23.02 9.70 21.91
C PHE A 195 -23.39 10.99 22.64
N ARG A 196 -22.61 12.04 22.40
CA ARG A 196 -22.84 13.35 23.00
C ARG A 196 -23.92 14.09 22.22
N LEU A 197 -24.96 14.55 22.92
CA LEU A 197 -26.05 15.30 22.30
C LEU A 197 -25.65 16.77 22.15
N ASN A 198 -24.80 17.20 23.07
CA ASN A 198 -24.32 18.57 23.18
C ASN A 198 -23.16 18.54 24.20
N LYS A 199 -22.75 19.70 24.72
CA LYS A 199 -21.58 19.77 25.63
C LYS A 199 -21.81 19.20 27.01
N LYS A 200 -23.08 19.00 27.36
CA LYS A 200 -23.45 18.71 28.74
C LYS A 200 -24.15 17.36 28.93
N ASP A 201 -24.33 16.64 27.82
CA ASP A 201 -25.20 15.46 27.86
C ASP A 201 -24.75 14.31 26.97
N ARG A 202 -24.73 13.12 27.56
CA ARG A 202 -24.33 11.91 26.86
C ARG A 202 -25.44 10.88 26.90
N LYS A 203 -25.43 9.98 25.94
CA LYS A 203 -26.34 8.85 25.90
C LYS A 203 -25.62 7.72 25.19
N THR A 204 -25.77 6.51 25.72
CA THR A 204 -25.16 5.31 25.15
C THR A 204 -25.86 4.90 23.85
N VAL A 205 -25.06 4.63 22.82
CA VAL A 205 -25.56 4.07 21.56
C VAL A 205 -24.73 2.87 21.17
N LYS A 206 -25.19 2.14 20.16
CA LYS A 206 -24.37 1.08 19.57
C LYS A 206 -23.51 1.65 18.43
N MET A 207 -22.22 1.76 18.71
CA MET A 207 -21.24 2.32 17.78
C MET A 207 -20.66 1.28 16.85
N MET A 208 -20.96 1.43 15.57
CA MET A 208 -20.30 0.62 14.57
C MET A 208 -18.90 1.18 14.35
N TYR A 209 -17.94 0.30 14.15
CA TYR A 209 -16.57 0.71 13.84
C TYR A 209 -16.10 0.00 12.57
N GLN A 210 -15.29 0.71 11.79
CA GLN A 210 -14.72 0.17 10.56
C GLN A 210 -13.48 0.96 10.18
N LYS A 211 -12.47 0.25 9.69
CA LYS A 211 -11.26 0.87 9.16
C LYS A 211 -11.09 0.40 7.73
N LYS A 212 -11.20 1.34 6.80
CA LYS A 212 -11.14 1.02 5.38
C LYS A 212 -10.97 2.28 4.56
N LYS A 213 -10.90 2.12 3.24
CA LYS A 213 -10.73 3.25 2.35
C LYS A 213 -12.07 3.91 2.01
N PHE A 214 -12.16 5.23 2.21
CA PHE A 214 -13.36 6.00 1.89
C PHE A 214 -13.00 7.36 1.29
N ALA A 215 -13.89 7.91 0.49
CA ALA A 215 -13.75 9.30 0.06
C ALA A 215 -13.89 10.19 1.31
N TYR A 216 -12.90 11.05 1.53
CA TYR A 216 -12.82 11.87 2.73
C TYR A 216 -12.44 13.31 2.42
N GLY A 217 -13.06 14.25 3.12
CA GLY A 217 -12.74 15.66 2.95
C GLY A 217 -12.76 16.43 4.26
N TYR A 218 -12.08 17.57 4.26
CA TYR A 218 -12.05 18.47 5.41
C TYR A 218 -12.38 19.89 4.97
N ILE A 219 -13.22 20.56 5.75
CA ILE A 219 -13.54 21.97 5.53
C ILE A 219 -12.90 22.79 6.64
N GLU A 220 -11.71 23.34 6.36
CA GLU A 220 -10.91 24.01 7.39
C GLU A 220 -11.59 25.26 7.93
N ASP A 221 -12.41 25.86 7.06
CA ASP A 221 -13.24 27.01 7.37
C ASP A 221 -14.26 26.72 8.51
N LEU A 222 -14.89 25.54 8.47
CA LEU A 222 -15.88 25.14 9.46
C LEU A 222 -15.40 24.04 10.42
N LYS A 223 -14.10 23.77 10.43
CA LYS A 223 -13.52 22.71 11.27
C LYS A 223 -14.35 21.43 11.20
N CYS A 224 -14.69 21.04 9.96
CA CYS A 224 -15.66 19.98 9.72
C CYS A 224 -15.20 18.93 8.70
N ARG A 225 -15.67 17.69 8.90
CA ARG A 225 -15.28 16.56 8.06
C ARG A 225 -16.39 16.06 7.13
N VAL A 226 -15.98 15.51 5.99
CA VAL A 226 -16.88 14.98 4.99
C VAL A 226 -16.47 13.54 4.66
N LEU A 227 -17.40 12.60 4.80
CA LEU A 227 -17.14 11.21 4.49
C LEU A 227 -18.20 10.71 3.53
N GLU A 228 -17.75 10.08 2.44
CA GLU A 228 -18.67 9.44 1.50
C GLU A 228 -18.63 7.93 1.67
N LEU A 229 -19.76 7.34 2.08
CA LEU A 229 -19.90 5.89 2.18
C LEU A 229 -20.85 5.40 1.09
N PRO A 230 -20.30 4.80 0.01
CA PRO A 230 -21.19 4.32 -1.04
C PRO A 230 -21.96 3.06 -0.63
N TYR A 231 -23.16 2.91 -1.16
CA TYR A 231 -23.95 1.69 -0.98
C TYR A 231 -23.59 0.66 -2.06
N GLN A 232 -23.76 -0.62 -1.71
CA GLN A 232 -23.64 -1.74 -2.65
C GLN A 232 -24.28 -1.42 -3.99
N GLY A 233 -23.51 -1.58 -5.05
CA GLY A 233 -23.97 -1.27 -6.39
C GLY A 233 -23.43 0.06 -6.91
N GLU A 234 -23.11 0.96 -5.99
CA GLU A 234 -22.54 2.27 -6.32
C GLU A 234 -23.58 3.29 -6.82
N GLU A 235 -24.82 2.84 -7.06
CA GLU A 235 -25.88 3.73 -7.53
C GLU A 235 -26.18 4.86 -6.53
N LEU A 236 -26.09 4.54 -5.24
CA LEU A 236 -26.35 5.50 -4.15
C LEU A 236 -25.18 5.61 -3.16
N SER A 237 -25.14 6.72 -2.43
CA SER A 237 -24.06 6.98 -1.49
C SER A 237 -24.54 7.86 -0.32
N MET A 238 -24.06 7.55 0.89
CA MET A 238 -24.30 8.44 2.02
C MET A 238 -23.13 9.39 2.23
N VAL A 239 -23.44 10.68 2.30
CA VAL A 239 -22.46 11.72 2.59
C VAL A 239 -22.75 12.19 4.01
N ILE A 240 -21.71 12.27 4.84
CA ILE A 240 -21.90 12.69 6.22
C ILE A 240 -21.06 13.92 6.55
N LEU A 241 -21.68 14.90 7.21
CA LEU A 241 -20.99 16.12 7.65
C LEU A 241 -20.83 16.10 9.16
N LEU A 242 -19.59 15.98 9.62
CA LEU A 242 -19.29 15.88 11.05
C LEU A 242 -18.31 16.95 11.50
N PRO A 243 -18.77 17.86 12.39
CA PRO A 243 -17.87 18.86 13.00
C PRO A 243 -16.75 18.19 13.79
N ASP A 244 -15.63 18.89 13.94
CA ASP A 244 -14.50 18.36 14.70
C ASP A 244 -14.89 18.05 16.15
N ASP A 245 -15.64 18.95 16.75
CA ASP A 245 -16.13 18.82 18.12
C ASP A 245 -17.36 19.71 18.28
N ILE A 246 -18.09 19.55 19.38
CA ILE A 246 -19.19 20.46 19.67
C ILE A 246 -18.57 21.75 20.17
N GLU A 247 -18.84 22.83 19.43
CA GLU A 247 -18.21 24.11 19.69
C GLU A 247 -19.23 25.26 19.80
N ASP A 248 -20.47 24.92 20.17
CA ASP A 248 -21.51 25.90 20.49
C ASP A 248 -22.41 25.39 21.62
N GLU A 249 -23.40 26.19 22.02
CA GLU A 249 -24.22 25.85 23.18
C GLU A 249 -25.33 24.86 22.89
N SER A 250 -25.31 24.28 21.69
CA SER A 250 -26.33 23.32 21.27
C SER A 250 -25.69 22.06 20.66
N THR A 251 -26.17 21.66 19.47
CA THR A 251 -25.73 20.44 18.80
C THR A 251 -24.36 20.55 18.14
N GLY A 252 -23.91 21.78 17.94
CA GLY A 252 -22.62 22.04 17.31
C GLY A 252 -22.74 22.14 15.81
N LEU A 253 -23.97 22.16 15.32
CA LEU A 253 -24.23 22.17 13.88
C LEU A 253 -24.72 23.51 13.36
N LYS A 254 -24.78 24.52 14.24
CA LYS A 254 -25.35 25.82 13.89
C LYS A 254 -24.60 26.51 12.73
N LYS A 255 -23.30 26.68 12.89
CA LYS A 255 -22.45 27.27 11.85
C LYS A 255 -22.64 26.62 10.48
N ILE A 256 -22.51 25.28 10.44
CA ILE A 256 -22.58 24.51 9.20
C ILE A 256 -23.96 24.66 8.55
N GLU A 257 -25.00 24.78 9.37
CA GLU A 257 -26.36 24.96 8.88
C GLU A 257 -26.55 26.34 8.24
N GLU A 258 -26.00 27.36 8.91
CA GLU A 258 -26.03 28.74 8.40
C GLU A 258 -25.42 28.82 7.00
N GLN A 259 -24.43 27.97 6.73
CA GLN A 259 -23.70 28.02 5.47
C GLN A 259 -24.33 27.25 4.29
N LEU A 260 -25.30 26.38 4.58
CA LEU A 260 -25.90 25.50 3.56
C LEU A 260 -26.51 26.21 2.36
N THR A 261 -25.83 26.09 1.23
CA THR A 261 -26.37 26.47 -0.09
C THR A 261 -26.00 25.34 -1.03
N LEU A 262 -26.57 25.35 -2.24
CA LEU A 262 -26.18 24.38 -3.25
C LEU A 262 -24.71 24.54 -3.66
N GLU A 263 -24.22 25.78 -3.63
CA GLU A 263 -22.84 26.07 -3.98
C GLU A 263 -21.87 25.49 -2.96
N LYS A 264 -22.17 25.69 -1.69
CA LYS A 264 -21.34 25.16 -0.60
C LYS A 264 -21.38 23.64 -0.58
N LEU A 265 -22.58 23.09 -0.75
CA LEU A 265 -22.80 21.66 -0.76
C LEU A 265 -21.98 20.96 -1.83
N HIS A 266 -21.81 21.63 -2.97
CA HIS A 266 -21.03 21.11 -4.08
C HIS A 266 -19.56 21.26 -3.78
N GLU A 267 -19.18 22.44 -3.29
CA GLU A 267 -17.80 22.75 -2.91
C GLU A 267 -17.25 21.71 -1.93
N TRP A 268 -18.08 21.31 -0.97
CA TRP A 268 -17.68 20.38 0.09
C TRP A 268 -17.61 18.95 -0.37
N THR A 269 -18.39 18.63 -1.40
CA THR A 269 -18.69 17.24 -1.75
C THR A 269 -18.29 16.83 -3.17
N LYS A 270 -17.85 17.80 -3.96
CA LYS A 270 -17.35 17.54 -5.33
C LYS A 270 -16.11 16.64 -5.29
N PRO A 271 -15.80 15.97 -6.43
CA PRO A 271 -14.63 15.08 -6.51
C PRO A 271 -13.32 15.75 -6.09
N GLU A 272 -13.04 16.92 -6.65
CA GLU A 272 -11.78 17.64 -6.41
C GLU A 272 -11.44 17.86 -4.92
N ASN A 273 -12.46 17.84 -4.06
CA ASN A 273 -12.24 18.10 -2.63
C ASN A 273 -12.35 16.87 -1.73
N LEU A 274 -12.27 15.69 -2.33
CA LEU A 274 -12.30 14.46 -1.58
C LEU A 274 -11.14 13.56 -1.99
N ASP A 275 -10.40 13.07 -1.01
CA ASP A 275 -9.34 12.12 -1.26
C ASP A 275 -9.74 10.77 -0.71
N PHE A 276 -9.46 9.71 -1.46
CA PHE A 276 -9.64 8.37 -0.96
C PHE A 276 -8.51 8.10 0.01
N ILE A 277 -8.87 7.73 1.23
CA ILE A 277 -7.93 7.67 2.32
C ILE A 277 -8.38 6.56 3.26
N GLU A 278 -7.45 6.07 4.08
CA GLU A 278 -7.79 5.15 5.16
C GLU A 278 -8.54 5.92 6.24
N VAL A 279 -9.73 5.43 6.59
CA VAL A 279 -10.56 6.13 7.57
C VAL A 279 -11.03 5.23 8.71
N ASN A 280 -10.82 5.69 9.93
CA ASN A 280 -11.39 5.03 11.12
C ASN A 280 -12.79 5.55 11.42
N VAL A 281 -13.78 4.81 10.93
CA VAL A 281 -15.17 5.25 10.93
C VAL A 281 -15.95 4.60 12.08
N SER A 282 -16.39 5.45 12.99
CA SER A 282 -17.29 5.05 14.04
C SER A 282 -18.61 5.69 13.66
N LEU A 283 -19.65 4.88 13.58
CA LEU A 283 -20.96 5.37 13.20
C LEU A 283 -22.04 4.69 14.03
N PRO A 284 -23.00 5.47 14.55
CA PRO A 284 -24.03 4.83 15.36
C PRO A 284 -24.99 4.01 14.50
N ARG A 285 -25.34 2.82 14.99
CA ARG A 285 -26.46 2.10 14.45
C ARG A 285 -27.66 2.94 14.87
N PHE A 286 -28.47 3.38 13.91
CA PHE A 286 -29.60 4.26 14.21
C PHE A 286 -30.81 4.11 13.29
N LYS A 287 -31.99 4.40 13.85
CA LYS A 287 -33.24 4.41 13.10
C LYS A 287 -33.85 5.79 13.20
N LEU A 288 -34.28 6.34 12.07
CA LEU A 288 -35.01 7.59 12.05
C LEU A 288 -36.26 7.46 11.23
N GLU A 289 -37.41 7.55 11.90
CA GLU A 289 -38.70 7.63 11.26
C GLU A 289 -39.36 8.90 11.75
N GLU A 290 -39.45 9.89 10.87
CA GLU A 290 -39.98 11.20 11.21
C GLU A 290 -41.17 11.58 10.32
N SER A 291 -42.21 12.15 10.93
CA SER A 291 -43.47 12.43 10.24
C SER A 291 -43.74 13.92 10.18
N TYR A 292 -44.20 14.42 9.02
CA TYR A 292 -44.39 15.87 8.83
C TYR A 292 -45.64 16.23 8.06
N THR A 293 -46.52 17.02 8.68
CA THR A 293 -47.57 17.62 7.88
C THR A 293 -47.01 18.96 7.41
N LEU A 294 -46.75 19.04 6.11
CA LEU A 294 -45.90 20.09 5.51
C LEU A 294 -46.61 21.39 5.17
N ASN A 295 -47.91 21.46 5.42
CA ASN A 295 -48.72 22.62 5.09
C ASN A 295 -48.06 23.95 5.47
N SER A 296 -47.86 24.13 6.76
CA SER A 296 -47.40 25.39 7.34
C SER A 296 -45.98 25.73 6.92
N ASP A 297 -45.16 24.71 6.70
CA ASP A 297 -43.77 24.91 6.27
C ASP A 297 -43.69 25.34 4.79
N LEU A 298 -44.53 24.72 3.95
CA LEU A 298 -44.60 25.09 2.53
C LEU A 298 -45.20 26.48 2.36
N ALA A 299 -46.14 26.84 3.23
CA ALA A 299 -46.69 28.17 3.26
C ALA A 299 -45.62 29.22 3.61
N ARG A 300 -44.80 28.95 4.62
CA ARG A 300 -43.71 29.85 4.98
C ARG A 300 -42.81 30.05 3.77
N LEU A 301 -42.67 28.99 2.99
CA LEU A 301 -41.77 28.97 1.85
C LEU A 301 -42.35 29.55 0.55
N GLY A 302 -43.63 29.93 0.59
CA GLY A 302 -44.24 30.65 -0.53
C GLY A 302 -45.52 30.06 -1.09
N VAL A 303 -45.86 28.84 -0.69
CA VAL A 303 -47.04 28.17 -1.22
C VAL A 303 -48.27 28.54 -0.37
N GLN A 304 -48.93 29.64 -0.75
CA GLN A 304 -50.02 30.18 0.03
C GLN A 304 -51.39 29.75 -0.48
N ASP A 305 -51.69 30.10 -1.72
CA ASP A 305 -53.02 29.92 -2.30
C ASP A 305 -53.51 28.47 -2.28
N LEU A 306 -52.63 27.53 -2.62
CA LEU A 306 -52.97 26.10 -2.70
C LEU A 306 -53.81 25.55 -1.54
N PHE A 307 -53.68 26.18 -0.37
CA PHE A 307 -54.38 25.74 0.84
C PHE A 307 -55.62 26.59 1.13
N ASN A 308 -55.74 27.70 0.40
CA ASN A 308 -56.86 28.60 0.62
C ASN A 308 -58.03 28.21 -0.27
N SER A 309 -59.13 27.82 0.37
CA SER A 309 -60.31 27.31 -0.34
C SER A 309 -60.85 28.27 -1.40
N SER A 310 -60.78 29.57 -1.11
CA SER A 310 -61.20 30.59 -2.08
C SER A 310 -60.21 30.74 -3.23
N LYS A 311 -58.97 31.13 -2.89
CA LYS A 311 -57.95 31.47 -3.90
C LYS A 311 -57.38 30.28 -4.68
N ALA A 312 -57.62 29.06 -4.20
CA ALA A 312 -57.08 27.84 -4.82
C ALA A 312 -57.55 27.66 -6.26
N ASP A 313 -56.61 27.37 -7.14
CA ASP A 313 -56.87 27.15 -8.56
C ASP A 313 -56.32 25.79 -8.97
N LEU A 314 -57.16 24.77 -8.86
CA LEU A 314 -56.78 23.41 -9.20
C LEU A 314 -57.57 22.91 -10.42
N SER A 315 -57.77 23.83 -11.37
CA SER A 315 -58.53 23.57 -12.59
C SER A 315 -58.01 22.36 -13.37
N GLY A 316 -56.69 22.20 -13.41
CA GLY A 316 -56.04 21.11 -14.14
C GLY A 316 -56.42 19.69 -13.73
N MET A 317 -57.01 19.55 -12.55
CA MET A 317 -57.44 18.22 -12.04
C MET A 317 -58.95 18.07 -11.78
N SER A 318 -59.63 19.17 -11.48
CA SER A 318 -61.09 19.14 -11.26
C SER A 318 -61.78 20.44 -11.65
N GLY A 319 -63.02 20.30 -12.10
CA GLY A 319 -63.84 21.43 -12.52
C GLY A 319 -64.53 22.16 -11.39
N ALA A 320 -64.64 21.50 -10.23
CA ALA A 320 -65.32 22.06 -9.05
C ALA A 320 -64.60 23.28 -8.46
N ARG A 321 -65.34 24.10 -7.72
CA ARG A 321 -64.88 25.44 -7.34
C ARG A 321 -64.40 25.64 -5.90
N ASP A 322 -64.70 24.70 -5.02
CA ASP A 322 -64.31 24.81 -3.62
C ASP A 322 -63.25 23.77 -3.20
N ILE A 323 -62.34 23.46 -4.11
CA ILE A 323 -61.26 22.50 -3.84
C ILE A 323 -59.95 23.17 -3.45
N PHE A 324 -59.14 22.43 -2.71
CA PHE A 324 -57.86 22.89 -2.17
C PHE A 324 -57.25 21.73 -1.39
N ILE A 325 -55.97 21.84 -1.07
CA ILE A 325 -55.31 20.79 -0.30
C ILE A 325 -55.53 20.97 1.21
N SER A 326 -56.04 19.91 1.85
CA SER A 326 -56.34 19.93 3.27
C SER A 326 -55.13 19.50 4.09
N LYS A 327 -54.35 18.58 3.54
CA LYS A 327 -53.24 17.96 4.25
C LYS A 327 -52.17 17.47 3.28
N ILE A 328 -50.92 17.64 3.65
CA ILE A 328 -49.79 17.08 2.93
C ILE A 328 -48.95 16.37 3.98
N VAL A 329 -48.95 15.04 3.95
CA VAL A 329 -48.25 14.31 4.98
C VAL A 329 -47.07 13.55 4.37
N HIS A 330 -45.90 13.85 4.89
CA HIS A 330 -44.67 13.21 4.45
C HIS A 330 -44.09 12.43 5.58
N LYS A 331 -43.47 11.28 5.27
CA LYS A 331 -42.79 10.47 6.27
C LYS A 331 -41.67 9.62 5.69
N SER A 332 -40.47 9.72 6.26
CA SER A 332 -39.31 8.93 5.84
C SER A 332 -38.81 8.04 6.98
N PHE A 333 -38.46 6.81 6.64
CA PHE A 333 -37.96 5.84 7.61
C PHE A 333 -36.66 5.26 7.09
N VAL A 334 -35.59 5.37 7.87
CA VAL A 334 -34.39 4.61 7.57
C VAL A 334 -33.87 3.84 8.77
N GLU A 335 -33.40 2.63 8.47
CA GLU A 335 -32.57 1.88 9.39
C GLU A 335 -31.14 1.90 8.87
N VAL A 336 -30.21 2.10 9.79
CA VAL A 336 -28.79 2.11 9.49
C VAL A 336 -28.12 1.13 10.44
N ASN A 337 -27.51 0.09 9.88
CA ASN A 337 -26.81 -0.93 10.65
C ASN A 337 -25.49 -1.36 9.98
N GLU A 338 -24.95 -2.49 10.43
CA GLU A 338 -23.67 -2.99 9.93
C GLU A 338 -23.79 -3.72 8.59
N GLU A 339 -25.03 -3.95 8.16
CA GLU A 339 -25.35 -4.76 7.00
C GLU A 339 -24.65 -4.31 5.72
N GLY A 340 -24.06 -5.26 5.02
CA GLY A 340 -23.44 -5.05 3.71
C GLY A 340 -23.00 -6.38 3.13
N THR A 341 -22.50 -6.35 1.90
CA THR A 341 -22.13 -7.55 1.13
C THR A 341 -21.60 -8.74 1.95
N THR A 352 -6.53 -2.77 0.65
CA THR A 352 -5.46 -1.78 0.66
C THR A 352 -4.37 -2.20 1.64
N PHE A 353 -3.13 -2.24 1.16
CA PHE A 353 -1.98 -2.50 2.02
C PHE A 353 -0.94 -1.40 1.88
N CYS A 354 -1.39 -0.18 1.62
CA CYS A 354 -0.47 0.95 1.41
C CYS A 354 0.06 1.51 2.73
N MET A 355 1.37 1.76 2.80
CA MET A 355 1.99 2.36 3.99
C MET A 355 1.86 3.88 3.98
N ASP A 356 1.96 4.48 2.80
CA ASP A 356 2.00 5.93 2.66
C ASP A 356 0.60 6.56 2.64
N ASP A 357 -0.42 5.73 2.69
CA ASP A 357 -1.80 6.21 2.78
C ASP A 357 -1.99 7.00 4.07
N PRO A 358 -2.53 8.23 3.95
CA PRO A 358 -2.89 9.03 5.12
C PRO A 358 -4.00 8.37 5.96
N GLU A 359 -3.79 8.31 7.26
CA GLU A 359 -4.79 7.86 8.21
C GLU A 359 -5.64 9.06 8.60
N GLU A 360 -6.92 8.81 8.86
CA GLU A 360 -7.80 9.86 9.42
C GLU A 360 -9.03 9.26 10.10
N ASN A 361 -9.44 9.88 11.21
CA ASN A 361 -10.64 9.45 11.96
C ASN A 361 -11.91 10.16 11.52
N PHE A 362 -13.02 9.43 11.62
CA PHE A 362 -14.33 9.99 11.41
C PHE A 362 -15.24 9.37 12.46
N THR A 363 -15.28 10.03 13.62
CA THR A 363 -15.93 9.48 14.81
C THR A 363 -17.23 10.23 15.09
N ALA A 364 -18.31 9.74 14.52
CA ALA A 364 -19.61 10.39 14.67
C ALA A 364 -20.27 10.04 16.00
N ASP A 365 -19.69 10.54 17.10
CA ASP A 365 -20.24 10.33 18.43
C ASP A 365 -20.85 11.62 18.98
N HIS A 366 -21.27 12.48 18.06
CA HIS A 366 -21.93 13.74 18.36
C HIS A 366 -22.69 14.16 17.14
N PRO A 367 -23.62 15.11 17.27
CA PRO A 367 -24.58 15.33 16.17
C PRO A 367 -23.93 15.59 14.81
N PHE A 368 -24.59 15.12 13.75
CA PHE A 368 -24.10 15.31 12.38
C PHE A 368 -25.23 15.53 11.39
N LEU A 369 -24.90 16.18 10.28
CA LEU A 369 -25.78 16.27 9.14
C LEU A 369 -25.37 15.16 8.19
N PHE A 370 -26.33 14.65 7.42
CA PHE A 370 -26.04 13.60 6.46
C PHE A 370 -27.11 13.57 5.40
N PHE A 371 -26.74 13.08 4.24
CA PHE A 371 -27.73 12.83 3.20
C PHE A 371 -27.39 11.60 2.37
N ILE A 372 -28.41 11.07 1.70
CA ILE A 372 -28.27 9.94 0.80
C ILE A 372 -28.45 10.44 -0.63
N ARG A 373 -27.35 10.46 -1.38
CA ARG A 373 -27.34 11.05 -2.71
C ARG A 373 -27.37 9.99 -3.82
N HIS A 374 -28.20 10.25 -4.83
CA HIS A 374 -28.17 9.49 -6.08
C HIS A 374 -27.02 9.98 -6.91
N ASN A 375 -25.96 9.17 -6.93
CA ASN A 375 -24.65 9.52 -7.51
C ASN A 375 -24.65 9.96 -8.96
N SER A 376 -25.50 9.32 -9.77
CA SER A 376 -25.58 9.64 -11.20
C SER A 376 -25.98 11.11 -11.43
N SER A 377 -27.15 11.51 -10.92
CA SER A 377 -27.72 12.83 -11.15
C SER A 377 -27.27 13.86 -10.13
N GLY A 378 -26.80 13.39 -8.97
CA GLY A 378 -26.40 14.29 -7.89
C GLY A 378 -27.59 14.67 -7.02
N SER A 379 -28.75 14.05 -7.28
CA SER A 379 -29.97 14.40 -6.55
C SER A 379 -29.97 13.85 -5.13
N ILE A 380 -30.59 14.61 -4.24
CA ILE A 380 -30.63 14.27 -2.83
C ILE A 380 -31.95 13.59 -2.55
N LEU A 381 -31.88 12.29 -2.28
CA LEU A 381 -33.05 11.47 -2.01
C LEU A 381 -33.49 11.56 -0.57
N PHE A 382 -32.53 11.67 0.32
CA PHE A 382 -32.80 11.71 1.75
C PHE A 382 -31.87 12.72 2.39
N LEU A 383 -32.39 13.43 3.39
CA LEU A 383 -31.63 14.48 4.03
C LEU A 383 -32.03 14.49 5.48
N GLY A 384 -31.04 14.52 6.36
CA GLY A 384 -31.36 14.49 7.78
C GLY A 384 -30.29 14.98 8.70
N ARG A 385 -30.70 15.25 9.94
CA ARG A 385 -29.82 15.59 11.03
C ARG A 385 -29.98 14.55 12.13
N PHE A 386 -28.89 13.91 12.53
CA PHE A 386 -28.95 12.99 13.65
C PHE A 386 -28.31 13.63 14.87
N SER A 387 -29.16 14.08 15.79
CA SER A 387 -28.66 14.77 16.96
C SER A 387 -29.02 14.09 18.26
N SER A 388 -30.14 13.37 18.28
CA SER A 388 -30.70 12.88 19.53
C SER A 388 -31.10 11.42 19.42
N PRO A 389 -30.21 10.51 19.85
CA PRO A 389 -30.50 9.08 19.78
C PRO A 389 -31.56 8.70 20.80
N MET B 11 34.84 0.67 14.15
CA MET B 11 35.11 1.99 13.49
C MET B 11 35.97 1.86 12.23
N GLU B 12 35.43 1.19 11.20
CA GLU B 12 36.06 1.04 9.88
C GLU B 12 37.56 0.74 9.93
N GLN B 13 37.94 -0.14 10.85
CA GLN B 13 39.34 -0.50 11.09
C GLN B 13 39.96 -1.28 9.92
N LEU B 14 39.79 -2.59 9.92
CA LEU B 14 40.18 -3.46 8.82
C LEU B 14 39.27 -3.20 7.64
N SER B 15 37.98 -2.99 7.94
CA SER B 15 36.98 -2.69 6.92
C SER B 15 37.58 -1.89 5.77
N SER B 16 38.01 -0.67 6.07
CA SER B 16 38.60 0.20 5.05
C SER B 16 39.85 -0.41 4.41
N ALA B 17 40.72 -1.00 5.22
CA ALA B 17 41.92 -1.65 4.72
C ALA B 17 41.57 -2.84 3.82
N ASN B 18 40.75 -3.75 4.35
CA ASN B 18 40.33 -4.95 3.62
C ASN B 18 39.62 -4.70 2.30
N THR B 19 38.74 -3.71 2.25
CA THR B 19 37.98 -3.42 1.02
C THR B 19 38.80 -2.58 0.03
N ARG B 20 39.79 -1.86 0.54
CA ARG B 20 40.75 -1.23 -0.35
C ARG B 20 41.52 -2.34 -1.08
N PHE B 21 41.96 -3.36 -0.35
CA PHE B 21 42.65 -4.53 -0.93
C PHE B 21 41.76 -5.33 -1.89
N ALA B 22 40.55 -5.63 -1.43
CA ALA B 22 39.58 -6.38 -2.21
C ALA B 22 39.46 -5.82 -3.59
N LEU B 23 39.47 -4.48 -3.68
CA LEU B 23 39.40 -3.79 -4.96
C LEU B 23 40.70 -3.83 -5.73
N ASP B 24 41.82 -3.76 -5.03
CA ASP B 24 43.12 -3.80 -5.70
C ASP B 24 43.30 -5.15 -6.40
N LEU B 25 42.92 -6.20 -5.68
CA LEU B 25 43.01 -7.57 -6.16
C LEU B 25 42.07 -7.86 -7.33
N PHE B 26 40.82 -7.43 -7.20
CA PHE B 26 39.83 -7.60 -8.25
C PHE B 26 40.39 -7.09 -9.58
N LEU B 27 40.80 -5.82 -9.58
CA LEU B 27 41.43 -5.19 -10.73
C LEU B 27 42.65 -5.97 -11.23
N ALA B 28 43.50 -6.41 -10.30
CA ALA B 28 44.69 -7.17 -10.66
C ALA B 28 44.28 -8.43 -11.41
N LEU B 29 43.28 -9.13 -10.86
CA LEU B 29 42.77 -10.33 -11.48
C LEU B 29 42.12 -9.97 -12.81
N SER B 30 41.57 -8.77 -12.88
CA SER B 30 40.85 -8.34 -14.06
C SER B 30 41.77 -7.92 -15.20
N GLU B 31 43.03 -7.63 -14.89
CA GLU B 31 44.05 -7.35 -15.90
C GLU B 31 44.30 -8.56 -16.79
N ASN B 32 44.29 -9.74 -16.19
CA ASN B 32 44.40 -10.99 -16.93
C ASN B 32 43.05 -11.57 -17.35
N ASN B 33 41.96 -10.93 -16.91
CA ASN B 33 40.61 -11.34 -17.28
C ASN B 33 39.60 -10.17 -17.31
N PRO B 34 39.65 -9.33 -18.36
CA PRO B 34 38.83 -8.13 -18.48
C PRO B 34 37.34 -8.45 -18.64
N ALA B 35 36.99 -9.29 -19.61
CA ALA B 35 35.65 -9.85 -19.71
C ALA B 35 35.77 -11.29 -19.28
N GLY B 36 34.95 -11.73 -18.34
CA GLY B 36 35.13 -13.06 -17.78
C GLY B 36 34.75 -13.12 -16.33
N ASN B 37 34.18 -14.25 -15.92
CA ASN B 37 33.71 -14.40 -14.56
C ASN B 37 34.88 -14.42 -13.60
N ILE B 38 34.76 -13.60 -12.56
CA ILE B 38 35.70 -13.57 -11.45
C ILE B 38 34.87 -13.79 -10.21
N PHE B 39 35.42 -14.54 -9.25
CA PHE B 39 34.76 -14.70 -7.97
C PHE B 39 35.69 -15.12 -6.85
N ILE B 40 35.83 -14.25 -5.86
CA ILE B 40 36.76 -14.46 -4.77
C ILE B 40 36.15 -14.07 -3.43
N SER B 41 36.80 -14.49 -2.35
CA SER B 41 36.49 -13.99 -1.03
C SER B 41 37.64 -13.15 -0.51
N PRO B 42 37.62 -11.83 -0.80
CA PRO B 42 38.75 -11.00 -0.38
C PRO B 42 38.98 -11.07 1.12
N PHE B 43 37.91 -11.27 1.88
CA PHE B 43 38.04 -11.34 3.32
C PHE B 43 38.90 -12.53 3.77
N SER B 44 38.59 -13.73 3.28
CA SER B 44 39.36 -14.94 3.65
C SER B 44 40.81 -14.81 3.23
N ILE B 45 41.04 -14.21 2.07
CA ILE B 45 42.38 -13.92 1.60
C ILE B 45 43.08 -13.02 2.62
N SER B 46 42.52 -11.84 2.86
CA SER B 46 43.02 -10.90 3.87
C SER B 46 43.32 -11.56 5.21
N SER B 47 42.36 -12.34 5.70
CA SER B 47 42.51 -13.01 6.99
C SER B 47 43.64 -14.03 6.97
N ALA B 48 43.69 -14.85 5.92
CA ALA B 48 44.72 -15.88 5.77
C ALA B 48 46.11 -15.27 5.69
N MET B 49 46.21 -14.22 4.87
CA MET B 49 47.47 -13.51 4.67
C MET B 49 47.91 -12.83 5.95
N ALA B 50 46.93 -12.32 6.70
CA ALA B 50 47.20 -11.71 8.00
C ALA B 50 47.75 -12.77 8.94
N MET B 51 47.24 -13.99 8.82
CA MET B 51 47.83 -15.11 9.52
C MET B 51 49.28 -15.34 9.10
N VAL B 52 49.59 -15.32 7.80
CA VAL B 52 50.99 -15.55 7.39
C VAL B 52 51.86 -14.35 7.78
N PHE B 53 51.23 -13.18 7.88
CA PHE B 53 51.90 -11.98 8.38
C PHE B 53 52.44 -12.19 9.79
N LEU B 54 51.75 -13.01 10.59
CA LEU B 54 52.24 -13.36 11.92
C LEU B 54 53.68 -13.87 11.86
N GLY B 55 53.95 -14.79 10.94
CA GLY B 55 55.26 -15.42 10.85
C GLY B 55 56.32 -14.71 10.04
N THR B 56 56.00 -13.54 9.50
CA THR B 56 56.91 -12.81 8.60
C THR B 56 57.66 -11.65 9.27
N ARG B 57 58.88 -11.42 8.80
CA ARG B 57 59.72 -10.34 9.28
C ARG B 57 60.35 -9.57 8.12
N GLY B 58 61.15 -8.56 8.43
CA GLY B 58 61.92 -7.81 7.43
C GLY B 58 61.01 -7.21 6.38
N ASN B 59 61.45 -7.23 5.13
CA ASN B 59 60.65 -6.71 4.01
C ASN B 59 59.51 -7.61 3.60
N THR B 60 59.71 -8.91 3.77
CA THR B 60 58.66 -9.89 3.52
C THR B 60 57.41 -9.39 4.21
N ALA B 61 57.52 -9.16 5.51
CA ALA B 61 56.45 -8.57 6.31
C ALA B 61 56.05 -7.18 5.83
N ALA B 62 57.03 -6.36 5.47
CA ALA B 62 56.79 -4.96 5.10
C ALA B 62 55.98 -4.80 3.81
N GLN B 63 56.32 -5.60 2.78
CA GLN B 63 55.56 -5.60 1.53
C GLN B 63 54.15 -6.13 1.78
N LEU B 64 54.07 -7.18 2.59
CA LEU B 64 52.80 -7.78 2.93
C LEU B 64 51.89 -6.77 3.64
N SER B 65 52.44 -6.11 4.65
CA SER B 65 51.74 -5.08 5.39
C SER B 65 51.23 -3.98 4.45
N LYS B 66 52.09 -3.49 3.56
CA LYS B 66 51.73 -2.40 2.62
C LYS B 66 50.68 -2.84 1.60
N THR B 67 50.91 -3.97 0.95
CA THR B 67 49.97 -4.54 -0.03
C THR B 67 48.59 -4.76 0.58
N PHE B 68 48.54 -5.31 1.80
CA PHE B 68 47.25 -5.60 2.44
C PHE B 68 46.70 -4.44 3.28
N HIS B 69 47.40 -3.31 3.22
CA HIS B 69 47.04 -2.10 3.94
C HIS B 69 47.06 -2.23 5.45
N PHE B 70 47.69 -3.30 5.96
CA PHE B 70 47.76 -3.53 7.41
C PHE B 70 48.53 -2.44 8.14
N ASN B 71 49.43 -1.77 7.44
CA ASN B 71 50.14 -0.61 7.99
C ASN B 71 49.21 0.49 8.51
N THR B 72 47.94 0.46 8.07
CA THR B 72 46.95 1.46 8.49
C THR B 72 46.00 0.94 9.56
N VAL B 73 46.24 -0.26 10.07
CA VAL B 73 45.36 -0.80 11.12
C VAL B 73 46.10 -1.14 12.41
N GLU B 74 45.66 -0.51 13.50
CA GLU B 74 46.19 -0.79 14.83
C GLU B 74 45.60 -2.10 15.37
N GLU B 75 46.39 -2.80 16.18
CA GLU B 75 45.99 -4.11 16.70
C GLU B 75 45.43 -4.95 15.57
N VAL B 76 46.24 -5.13 14.53
CA VAL B 76 45.80 -5.86 13.34
C VAL B 76 45.19 -7.19 13.74
N HIS B 77 45.97 -7.98 14.46
CA HIS B 77 45.61 -9.37 14.76
C HIS B 77 44.42 -9.51 15.67
N SER B 78 44.28 -8.59 16.62
CA SER B 78 43.15 -8.58 17.56
C SER B 78 41.82 -8.37 16.84
N ARG B 79 41.77 -7.29 16.05
CA ARG B 79 40.58 -6.91 15.29
C ARG B 79 40.11 -8.02 14.36
N PHE B 80 41.05 -8.71 13.73
CA PHE B 80 40.71 -9.86 12.88
C PHE B 80 40.09 -11.00 13.68
N GLN B 81 40.66 -11.26 14.86
CA GLN B 81 40.18 -12.33 15.72
C GLN B 81 38.72 -12.10 16.09
N SER B 82 38.41 -10.84 16.41
CA SER B 82 37.05 -10.42 16.73
C SER B 82 36.19 -10.45 15.47
N LEU B 83 36.70 -9.85 14.40
CA LEU B 83 35.98 -9.79 13.13
C LEU B 83 35.65 -11.16 12.56
N ASN B 84 36.61 -12.10 12.65
CA ASN B 84 36.40 -13.48 12.20
C ASN B 84 35.37 -14.25 13.01
N ALA B 85 35.32 -14.01 14.32
CA ALA B 85 34.32 -14.64 15.18
C ALA B 85 32.94 -14.12 14.84
N ASP B 86 32.85 -12.80 14.63
CA ASP B 86 31.62 -12.11 14.30
C ASP B 86 30.92 -12.75 13.09
N ILE B 87 31.68 -13.03 12.03
CA ILE B 87 31.10 -13.55 10.78
C ILE B 87 31.05 -15.08 10.72
N ASN B 88 32.10 -15.73 11.24
CA ASN B 88 32.16 -17.19 11.28
C ASN B 88 31.28 -17.78 12.37
N LYS B 89 30.61 -16.89 13.12
CA LYS B 89 29.77 -17.28 14.26
C LYS B 89 28.99 -18.56 13.94
N ARG B 90 29.12 -19.54 14.84
CA ARG B 90 28.46 -20.83 14.69
C ARG B 90 26.93 -20.70 14.74
N GLY B 91 26.44 -19.48 15.00
CA GLY B 91 25.01 -19.15 14.89
C GLY B 91 24.44 -19.71 13.59
N ALA B 92 25.22 -19.54 12.51
CA ALA B 92 25.06 -20.29 11.25
C ALA B 92 23.66 -20.36 10.62
N SER B 93 23.10 -19.19 10.32
CA SER B 93 21.89 -19.09 9.52
C SER B 93 22.14 -19.64 8.11
N TYR B 94 23.20 -19.13 7.49
CA TYR B 94 23.66 -19.51 6.16
C TYR B 94 24.71 -20.62 6.25
N ILE B 95 25.07 -21.19 5.11
CA ILE B 95 26.20 -22.12 5.04
C ILE B 95 27.47 -21.37 4.59
N LEU B 96 28.43 -21.27 5.50
CA LEU B 96 29.72 -20.61 5.23
C LEU B 96 30.88 -21.48 5.71
N LYS B 97 31.30 -22.43 4.87
CA LYS B 97 32.34 -23.37 5.28
C LYS B 97 33.71 -22.99 4.74
N LEU B 98 34.57 -22.53 5.65
CA LEU B 98 35.90 -22.04 5.32
C LEU B 98 36.92 -23.13 5.59
N ALA B 99 37.78 -23.38 4.61
CA ALA B 99 38.91 -24.29 4.76
C ALA B 99 40.19 -23.48 4.61
N ASN B 100 40.86 -23.22 5.72
CA ASN B 100 42.04 -22.40 5.68
C ASN B 100 43.18 -23.04 6.44
N ARG B 101 44.34 -23.17 5.79
CA ARG B 101 45.46 -23.89 6.37
C ARG B 101 46.78 -23.72 5.61
N LEU B 102 47.87 -23.67 6.36
CA LEU B 102 49.21 -23.81 5.81
C LEU B 102 49.68 -25.26 5.87
N TYR B 103 50.36 -25.68 4.81
CA TYR B 103 50.96 -27.01 4.77
C TYR B 103 52.44 -26.81 4.47
N GLY B 104 53.28 -27.40 5.32
CA GLY B 104 54.73 -27.23 5.18
C GLY B 104 55.48 -28.54 5.09
N GLU B 105 56.74 -28.46 4.66
CA GLU B 105 57.62 -29.62 4.61
C GLU B 105 57.99 -30.10 6.03
N LYS B 106 57.62 -31.35 6.35
CA LYS B 106 57.79 -31.90 7.71
C LYS B 106 59.17 -31.74 8.31
N THR B 107 60.22 -31.94 7.51
CA THR B 107 61.60 -31.74 7.96
C THR B 107 61.80 -30.36 8.61
N TYR B 108 61.28 -29.32 7.95
CA TYR B 108 61.40 -27.94 8.41
C TYR B 108 60.81 -27.75 9.80
N ASN B 109 61.47 -26.92 10.61
CA ASN B 109 61.18 -26.79 12.04
C ASN B 109 60.34 -25.58 12.43
N PHE B 110 59.04 -25.81 12.60
CA PHE B 110 58.10 -24.73 12.89
C PHE B 110 57.96 -24.43 14.37
N LEU B 111 58.21 -23.18 14.73
CA LEU B 111 58.20 -22.72 16.13
C LEU B 111 56.86 -22.99 16.81
N PRO B 112 56.89 -23.64 17.99
CA PRO B 112 55.65 -24.01 18.67
C PRO B 112 54.82 -22.80 19.05
N GLU B 113 55.48 -21.67 19.32
CA GLU B 113 54.78 -20.42 19.62
C GLU B 113 53.95 -19.94 18.45
N PHE B 114 54.50 -20.05 17.24
CA PHE B 114 53.77 -19.66 16.04
C PHE B 114 52.49 -20.45 15.88
N LEU B 115 52.60 -21.78 16.01
CA LEU B 115 51.47 -22.69 15.85
C LEU B 115 50.32 -22.35 16.80
N VAL B 116 50.65 -22.09 18.06
CA VAL B 116 49.66 -21.69 19.05
C VAL B 116 48.95 -20.44 18.52
N SER B 117 49.73 -19.38 18.29
CA SER B 117 49.26 -18.09 17.77
C SER B 117 48.28 -18.25 16.61
N THR B 118 48.66 -19.12 15.67
CA THR B 118 47.86 -19.48 14.51
C THR B 118 46.46 -19.98 14.86
N GLN B 119 46.37 -20.88 15.84
CA GLN B 119 45.08 -21.40 16.30
C GLN B 119 44.37 -20.38 17.19
N LYS B 120 45.12 -19.84 18.14
CA LYS B 120 44.60 -18.86 19.10
C LYS B 120 43.86 -17.71 18.41
N THR B 121 44.38 -17.27 17.26
CA THR B 121 43.87 -16.07 16.61
C THR B 121 43.03 -16.35 15.36
N TYR B 122 43.38 -17.41 14.62
CA TYR B 122 42.71 -17.70 13.34
C TYR B 122 42.01 -19.05 13.25
N GLY B 123 42.18 -19.88 14.27
CA GLY B 123 41.53 -21.19 14.32
C GLY B 123 41.99 -22.09 13.19
N ALA B 124 43.18 -21.79 12.66
CA ALA B 124 43.78 -22.56 11.60
C ALA B 124 45.06 -23.18 12.13
N ASP B 125 45.65 -24.08 11.35
CA ASP B 125 46.84 -24.80 11.77
C ASP B 125 47.96 -24.59 10.77
N LEU B 126 49.13 -25.15 11.08
CA LEU B 126 50.17 -25.37 10.10
C LEU B 126 50.56 -26.85 10.18
N ALA B 127 50.00 -27.63 9.26
CA ALA B 127 50.23 -29.06 9.18
C ALA B 127 51.55 -29.39 8.47
N SER B 128 52.24 -30.42 8.93
CA SER B 128 53.44 -30.92 8.26
C SER B 128 53.15 -32.15 7.39
N VAL B 129 53.57 -32.09 6.13
CA VAL B 129 53.44 -33.24 5.24
C VAL B 129 54.75 -33.47 4.48
N ASP B 130 54.94 -34.70 4.02
CA ASP B 130 56.18 -35.09 3.37
C ASP B 130 56.17 -34.74 1.88
N PHE B 131 56.34 -33.45 1.59
CA PHE B 131 56.43 -32.97 0.21
C PHE B 131 57.68 -33.52 -0.43
N GLN B 132 58.78 -33.45 0.32
CA GLN B 132 60.10 -33.83 -0.15
C GLN B 132 60.17 -35.26 -0.70
N HIS B 133 59.31 -36.15 -0.19
CA HIS B 133 59.33 -37.55 -0.61
C HIS B 133 58.00 -38.17 -0.98
N ALA B 134 56.90 -37.59 -0.51
CA ALA B 134 55.56 -38.14 -0.77
C ALA B 134 54.59 -37.06 -1.25
N SER B 135 55.07 -36.26 -2.20
CA SER B 135 54.36 -35.12 -2.79
C SER B 135 52.94 -35.44 -3.22
N GLU B 136 52.81 -36.49 -4.01
CA GLU B 136 51.52 -36.94 -4.51
C GLU B 136 50.58 -37.36 -3.38
N ASP B 137 51.15 -37.97 -2.33
CA ASP B 137 50.37 -38.41 -1.18
C ASP B 137 49.89 -37.19 -0.42
N ALA B 138 50.82 -36.27 -0.16
CA ALA B 138 50.52 -35.00 0.50
C ALA B 138 49.35 -34.33 -0.18
N ARG B 139 49.47 -34.17 -1.50
CA ARG B 139 48.42 -33.63 -2.36
C ARG B 139 47.03 -34.20 -2.07
N LYS B 140 46.96 -35.51 -1.80
CA LYS B 140 45.70 -36.19 -1.49
C LYS B 140 45.16 -35.81 -0.12
N THR B 141 46.03 -35.84 0.88
CA THR B 141 45.60 -35.57 2.26
C THR B 141 45.11 -34.12 2.35
N ILE B 142 45.83 -33.22 1.66
CA ILE B 142 45.46 -31.81 1.55
C ILE B 142 44.10 -31.63 0.89
N ASN B 143 43.87 -32.35 -0.21
CA ASN B 143 42.60 -32.28 -0.91
C ASN B 143 41.44 -32.81 -0.09
N GLN B 144 41.67 -33.95 0.57
CA GLN B 144 40.66 -34.59 1.43
C GLN B 144 40.23 -33.70 2.59
N TRP B 145 41.21 -33.04 3.21
CA TRP B 145 40.94 -32.12 4.29
C TRP B 145 40.05 -30.99 3.84
N VAL B 146 40.28 -30.51 2.62
CA VAL B 146 39.47 -29.46 2.03
C VAL B 146 38.08 -30.00 1.69
N LYS B 147 38.03 -31.21 1.14
CA LYS B 147 36.76 -31.86 0.82
C LYS B 147 35.89 -31.88 2.07
N GLY B 148 36.48 -32.32 3.18
CA GLY B 148 35.79 -32.40 4.46
C GLY B 148 35.34 -31.06 4.99
N GLN B 149 36.25 -30.10 5.02
CA GLN B 149 35.97 -28.78 5.60
C GLN B 149 34.93 -27.97 4.84
N THR B 150 34.81 -28.25 3.55
CA THR B 150 33.89 -27.52 2.66
C THR B 150 32.68 -28.37 2.26
N GLU B 151 32.39 -29.41 3.04
CA GLU B 151 31.29 -30.35 2.78
C GLU B 151 31.31 -30.92 1.36
N GLY B 152 32.48 -31.38 0.93
CA GLY B 152 32.61 -32.04 -0.37
C GLY B 152 32.30 -31.18 -1.60
N LYS B 153 31.90 -29.94 -1.39
CA LYS B 153 31.65 -29.01 -2.49
C LYS B 153 32.94 -28.65 -3.23
N ILE B 154 34.08 -28.72 -2.54
CA ILE B 154 35.37 -28.47 -3.17
C ILE B 154 36.34 -29.64 -2.94
N PRO B 155 36.12 -30.77 -3.63
CA PRO B 155 37.14 -31.82 -3.55
C PRO B 155 38.22 -31.49 -4.57
N GLU B 156 39.41 -32.08 -4.44
CA GLU B 156 40.41 -31.91 -5.48
C GLU B 156 40.75 -30.41 -5.72
N LEU B 157 41.12 -29.70 -4.66
CA LEU B 157 41.46 -28.28 -4.77
C LEU B 157 42.73 -28.10 -5.59
N LEU B 158 43.73 -28.92 -5.30
CA LEU B 158 44.99 -28.93 -6.04
C LEU B 158 44.91 -29.97 -7.12
N ALA B 159 45.13 -29.53 -8.35
CA ALA B 159 45.29 -30.44 -9.47
C ALA B 159 46.65 -31.12 -9.37
N SER B 160 46.97 -31.95 -10.34
CA SER B 160 48.17 -32.79 -10.35
C SER B 160 49.50 -32.08 -10.13
N GLY B 161 49.83 -31.09 -10.95
CA GLY B 161 51.17 -30.49 -10.89
C GLY B 161 51.42 -29.48 -9.77
N MET B 162 50.42 -29.27 -8.92
CA MET B 162 50.43 -28.16 -7.97
C MET B 162 51.49 -28.27 -6.86
N VAL B 163 51.80 -29.50 -6.45
CA VAL B 163 52.89 -29.69 -5.50
C VAL B 163 53.89 -30.71 -6.03
N ASP B 164 55.17 -30.44 -5.75
CA ASP B 164 56.26 -31.38 -6.04
C ASP B 164 57.15 -31.53 -4.81
N ASN B 165 58.36 -32.07 -5.01
CA ASN B 165 59.29 -32.27 -3.89
C ASN B 165 60.00 -30.99 -3.44
N MET B 166 59.85 -29.93 -4.23
CA MET B 166 60.47 -28.63 -3.94
C MET B 166 59.56 -27.76 -3.08
N THR B 167 58.28 -28.13 -3.03
CA THR B 167 57.28 -27.42 -2.24
C THR B 167 57.69 -27.36 -0.77
N LYS B 168 57.77 -26.14 -0.23
CA LYS B 168 58.16 -25.91 1.16
C LYS B 168 56.98 -25.51 2.03
N LEU B 169 56.17 -24.58 1.49
CA LEU B 169 54.97 -24.09 2.17
C LEU B 169 53.89 -23.82 1.15
N VAL B 170 52.66 -24.18 1.50
CA VAL B 170 51.51 -23.94 0.64
C VAL B 170 50.37 -23.39 1.47
N LEU B 171 49.82 -22.26 1.06
CA LEU B 171 48.60 -21.77 1.69
C LEU B 171 47.37 -22.13 0.89
N VAL B 172 46.51 -22.89 1.54
CA VAL B 172 45.24 -23.34 0.99
C VAL B 172 44.10 -22.53 1.61
N ASN B 173 43.38 -21.78 0.76
CA ASN B 173 42.29 -20.95 1.21
C ASN B 173 41.04 -21.13 0.36
N ALA B 174 40.28 -22.19 0.65
CA ALA B 174 39.08 -22.52 -0.12
C ALA B 174 37.84 -22.32 0.74
N ILE B 175 36.74 -21.88 0.12
CA ILE B 175 35.53 -21.49 0.86
C ILE B 175 34.25 -21.71 0.04
N TYR B 176 33.22 -22.20 0.73
CA TYR B 176 31.91 -22.46 0.13
C TYR B 176 30.85 -21.60 0.79
N PHE B 177 29.96 -21.04 -0.02
CA PHE B 177 28.87 -20.24 0.49
C PHE B 177 27.55 -20.59 -0.15
N LYS B 178 26.56 -20.82 0.69
CA LYS B 178 25.20 -21.01 0.21
C LYS B 178 24.29 -20.39 1.26
N GLY B 179 23.63 -19.30 0.87
CA GLY B 179 22.71 -18.60 1.75
C GLY B 179 21.27 -18.71 1.32
N ASN B 180 20.38 -18.25 2.19
CA ASN B 180 18.96 -18.12 1.87
C ASN B 180 18.58 -16.65 1.80
N TRP B 181 17.81 -16.28 0.77
CA TRP B 181 17.30 -14.93 0.62
C TRP B 181 16.29 -14.65 1.68
N LYS B 182 16.27 -13.42 2.17
CA LYS B 182 15.20 -12.94 3.03
C LYS B 182 13.85 -13.09 2.29
N ASP B 183 13.79 -12.54 1.08
CA ASP B 183 12.62 -12.68 0.22
C ASP B 183 12.92 -13.68 -0.91
N LYS B 184 12.39 -14.90 -0.76
CA LYS B 184 12.64 -16.00 -1.69
C LYS B 184 12.12 -15.72 -3.12
N PHE B 185 12.71 -16.41 -4.09
CA PHE B 185 12.21 -16.43 -5.48
C PHE B 185 11.32 -17.65 -5.66
N MET B 186 10.31 -17.53 -6.50
CA MET B 186 9.46 -18.67 -6.80
C MET B 186 9.91 -19.45 -8.03
N LYS B 187 10.06 -20.78 -7.87
CA LYS B 187 10.42 -21.70 -8.95
C LYS B 187 9.38 -21.73 -10.07
N GLU B 188 8.14 -21.41 -9.71
CA GLU B 188 7.06 -21.23 -10.67
C GLU B 188 7.36 -20.10 -11.67
N ALA B 189 8.18 -19.14 -11.24
CA ALA B 189 8.41 -17.93 -12.00
C ALA B 189 9.69 -17.94 -12.84
N THR B 190 10.68 -18.73 -12.43
CA THR B 190 11.97 -18.75 -13.13
C THR B 190 11.82 -19.40 -14.51
N THR B 191 12.38 -18.73 -15.51
CA THR B 191 12.18 -19.13 -16.90
C THR B 191 13.47 -19.00 -17.69
N ASN B 192 13.56 -19.76 -18.79
CA ASN B 192 14.64 -19.61 -19.74
C ASN B 192 14.58 -18.26 -20.46
N ALA B 193 15.73 -17.61 -20.56
CA ALA B 193 15.81 -16.26 -21.11
C ALA B 193 17.23 -15.98 -21.60
N PRO B 194 17.36 -15.12 -22.63
CA PRO B 194 18.68 -14.70 -23.14
C PRO B 194 19.47 -13.81 -22.18
N PHE B 195 20.74 -14.16 -22.00
CA PHE B 195 21.71 -13.32 -21.30
C PHE B 195 22.68 -12.79 -22.35
N ARG B 196 22.79 -11.48 -22.47
CA ARG B 196 23.69 -10.87 -23.45
C ARG B 196 25.07 -10.75 -22.83
N LEU B 197 26.05 -11.39 -23.44
CA LEU B 197 27.44 -11.33 -22.96
C LEU B 197 28.11 -10.04 -23.45
N ASN B 198 27.56 -9.51 -24.54
CA ASN B 198 28.03 -8.28 -25.18
C ASN B 198 27.02 -7.93 -26.28
N LYS B 199 27.25 -6.81 -26.97
CA LYS B 199 26.34 -6.36 -28.03
C LYS B 199 26.09 -7.42 -29.10
N LYS B 200 27.07 -8.29 -29.34
CA LYS B 200 27.06 -9.23 -30.45
C LYS B 200 26.72 -10.69 -30.10
N ASP B 201 26.52 -11.00 -28.83
CA ASP B 201 26.39 -12.41 -28.44
C ASP B 201 25.51 -12.67 -27.21
N ARG B 202 24.65 -13.67 -27.32
CA ARG B 202 23.71 -14.03 -26.26
C ARG B 202 23.83 -15.51 -25.88
N LYS B 203 23.19 -15.90 -24.77
CA LYS B 203 23.12 -17.29 -24.34
C LYS B 203 22.02 -17.49 -23.30
N THR B 204 21.19 -18.51 -23.49
CA THR B 204 20.05 -18.75 -22.61
C THR B 204 20.51 -19.08 -21.19
N VAL B 205 19.80 -18.52 -20.21
CA VAL B 205 20.01 -18.84 -18.79
C VAL B 205 18.67 -19.11 -18.14
N LYS B 206 18.70 -19.58 -16.90
CA LYS B 206 17.50 -19.61 -16.08
C LYS B 206 17.38 -18.25 -15.39
N MET B 207 16.31 -17.52 -15.68
CA MET B 207 16.06 -16.22 -15.07
C MET B 207 15.00 -16.29 -13.99
N MET B 208 15.45 -16.16 -12.74
CA MET B 208 14.54 -16.05 -11.61
C MET B 208 13.85 -14.69 -11.67
N TYR B 209 12.66 -14.62 -11.10
CA TYR B 209 11.92 -13.36 -11.06
C TYR B 209 11.27 -13.17 -9.70
N GLN B 210 11.08 -11.91 -9.34
CA GLN B 210 10.55 -11.53 -8.04
C GLN B 210 9.94 -10.16 -8.13
N LYS B 211 8.69 -10.07 -7.66
CA LYS B 211 7.99 -8.82 -7.53
C LYS B 211 7.95 -8.54 -6.04
N LYS B 212 8.85 -7.69 -5.55
CA LYS B 212 8.90 -7.30 -4.12
C LYS B 212 9.60 -5.95 -3.91
N LYS B 213 9.74 -5.56 -2.65
CA LYS B 213 10.41 -4.31 -2.28
C LYS B 213 11.88 -4.52 -1.89
N PHE B 214 12.76 -3.79 -2.57
CA PHE B 214 14.21 -3.89 -2.35
C PHE B 214 14.85 -2.51 -2.37
N ALA B 215 16.01 -2.37 -1.73
CA ALA B 215 16.75 -1.11 -1.74
C ALA B 215 17.34 -0.88 -3.14
N TYR B 216 17.13 0.31 -3.67
CA TYR B 216 17.48 0.60 -5.06
C TYR B 216 18.28 1.87 -5.17
N GLY B 217 19.33 1.83 -5.97
CA GLY B 217 20.14 3.00 -6.26
C GLY B 217 20.30 3.22 -7.74
N TYR B 218 20.68 4.43 -8.11
CA TYR B 218 21.01 4.75 -9.48
C TYR B 218 22.21 5.70 -9.49
N ILE B 219 23.32 5.20 -10.03
CA ILE B 219 24.55 6.00 -10.14
C ILE B 219 24.48 6.88 -11.39
N GLU B 220 24.39 8.18 -11.14
CA GLU B 220 24.04 9.16 -12.18
C GLU B 220 24.99 9.17 -13.38
N ASP B 221 26.27 9.43 -13.13
CA ASP B 221 27.26 9.55 -14.20
C ASP B 221 27.51 8.27 -14.98
N LEU B 222 27.30 7.13 -14.33
CA LEU B 222 27.54 5.82 -14.94
C LEU B 222 26.30 5.20 -15.55
N LYS B 223 25.14 5.83 -15.33
CA LYS B 223 23.86 5.30 -15.79
C LYS B 223 23.78 3.83 -15.41
N CYS B 224 23.87 3.58 -14.10
CA CYS B 224 24.08 2.24 -13.56
C CYS B 224 23.22 1.99 -12.31
N ARG B 225 22.53 0.86 -12.34
CA ARG B 225 21.64 0.43 -11.27
C ARG B 225 22.38 -0.23 -10.09
N VAL B 226 21.82 -0.08 -8.90
CA VAL B 226 22.32 -0.70 -7.67
C VAL B 226 21.16 -1.41 -6.98
N LEU B 227 21.33 -2.70 -6.68
CA LEU B 227 20.32 -3.45 -5.92
C LEU B 227 20.92 -4.11 -4.69
N GLU B 228 20.20 -4.05 -3.57
CA GLU B 228 20.60 -4.75 -2.35
C GLU B 228 19.62 -5.88 -2.06
N LEU B 229 20.17 -7.10 -1.98
CA LEU B 229 19.38 -8.29 -1.75
C LEU B 229 19.76 -8.92 -0.42
N PRO B 230 18.95 -8.67 0.63
CA PRO B 230 19.28 -9.19 1.96
C PRO B 230 19.14 -10.69 2.03
N TYR B 231 20.07 -11.33 2.73
CA TYR B 231 19.97 -12.74 3.04
C TYR B 231 19.17 -12.95 4.32
N GLN B 232 19.03 -14.22 4.71
CA GLN B 232 18.34 -14.62 5.94
C GLN B 232 18.89 -13.88 7.15
N GLY B 233 17.98 -13.34 7.96
CA GLY B 233 18.33 -12.72 9.23
C GLY B 233 19.12 -11.42 9.14
N GLU B 234 19.12 -10.78 7.97
CA GLU B 234 19.77 -9.48 7.76
C GLU B 234 21.27 -9.42 8.09
N GLU B 235 21.88 -10.58 8.33
CA GLU B 235 23.31 -10.66 8.64
C GLU B 235 24.16 -10.32 7.42
N LEU B 236 23.70 -10.80 6.25
CA LEU B 236 24.41 -10.63 5.00
C LEU B 236 23.51 -10.11 3.88
N SER B 237 24.09 -9.32 2.99
CA SER B 237 23.39 -8.81 1.82
C SER B 237 24.21 -9.05 0.55
N MET B 238 23.53 -9.28 -0.56
CA MET B 238 24.19 -9.25 -1.86
C MET B 238 23.90 -7.93 -2.53
N VAL B 239 24.96 -7.19 -2.84
CA VAL B 239 24.85 -5.94 -3.58
C VAL B 239 25.26 -6.20 -5.02
N ILE B 240 24.48 -5.67 -5.96
CA ILE B 240 24.68 -5.89 -7.38
C ILE B 240 24.74 -4.57 -8.12
N LEU B 241 25.73 -4.41 -8.98
CA LEU B 241 25.87 -3.23 -9.82
C LEU B 241 25.64 -3.61 -11.27
N LEU B 242 24.62 -3.00 -11.88
CA LEU B 242 24.16 -3.37 -13.21
C LEU B 242 23.96 -2.13 -14.09
N PRO B 243 24.84 -1.95 -15.10
CA PRO B 243 24.64 -0.85 -16.04
C PRO B 243 23.24 -0.92 -16.63
N ASP B 244 22.72 0.21 -17.09
CA ASP B 244 21.45 0.25 -17.81
C ASP B 244 21.47 -0.65 -19.03
N ASP B 245 22.61 -0.67 -19.72
CA ASP B 245 22.79 -1.41 -20.96
C ASP B 245 24.29 -1.57 -21.21
N ILE B 246 24.64 -2.43 -22.17
CA ILE B 246 26.01 -2.60 -22.60
C ILE B 246 26.45 -1.48 -23.57
N GLU B 247 27.35 -0.61 -23.11
CA GLU B 247 27.72 0.60 -23.85
C GLU B 247 29.05 0.51 -24.59
N ASP B 248 30.05 -0.15 -23.98
CA ASP B 248 31.33 -0.38 -24.64
C ASP B 248 31.24 -1.56 -25.63
N GLU B 249 32.39 -1.99 -26.14
CA GLU B 249 32.44 -3.11 -27.10
C GLU B 249 32.69 -4.47 -26.45
N SER B 250 32.46 -4.55 -25.13
CA SER B 250 32.84 -5.72 -24.35
C SER B 250 31.69 -6.07 -23.40
N THR B 251 31.96 -6.17 -22.11
CA THR B 251 30.94 -6.49 -21.10
C THR B 251 29.98 -5.34 -20.77
N GLY B 252 30.45 -4.10 -20.89
CA GLY B 252 29.66 -2.93 -20.50
C GLY B 252 30.00 -2.45 -19.10
N LEU B 253 31.02 -3.05 -18.51
CA LEU B 253 31.37 -2.75 -17.13
C LEU B 253 32.64 -1.94 -16.99
N LYS B 254 33.33 -1.67 -18.11
CA LYS B 254 34.66 -1.04 -18.07
C LYS B 254 34.65 0.33 -17.38
N LYS B 255 33.66 1.17 -17.68
CA LYS B 255 33.54 2.47 -17.03
C LYS B 255 33.31 2.35 -15.51
N ILE B 256 32.48 1.38 -15.13
CA ILE B 256 32.16 1.11 -13.74
C ILE B 256 33.37 0.51 -13.04
N GLU B 257 34.02 -0.44 -13.71
CA GLU B 257 35.25 -1.06 -13.21
C GLU B 257 36.34 -0.01 -12.98
N GLU B 258 36.38 0.97 -13.89
CA GLU B 258 37.38 2.04 -13.90
C GLU B 258 37.23 3.02 -12.73
N GLN B 259 36.00 3.25 -12.31
CA GLN B 259 35.69 4.19 -11.25
C GLN B 259 35.73 3.54 -9.87
N LEU B 260 35.83 2.21 -9.85
CA LEU B 260 35.84 1.42 -8.62
C LEU B 260 36.89 1.85 -7.59
N THR B 261 36.41 2.31 -6.44
CA THR B 261 37.26 2.69 -5.30
C THR B 261 36.44 2.65 -4.01
N LEU B 262 37.13 2.51 -2.87
CA LEU B 262 36.47 2.38 -1.56
C LEU B 262 35.41 3.46 -1.29
N GLU B 263 35.81 4.72 -1.42
CA GLU B 263 34.88 5.84 -1.21
C GLU B 263 33.75 5.81 -2.23
N LYS B 264 34.09 5.56 -3.51
CA LYS B 264 33.10 5.43 -4.56
C LYS B 264 32.15 4.27 -4.30
N LEU B 265 32.71 3.16 -3.83
CA LEU B 265 31.92 1.98 -3.47
C LEU B 265 30.94 2.33 -2.35
N HIS B 266 31.43 3.09 -1.37
CA HIS B 266 30.63 3.55 -0.23
C HIS B 266 29.56 4.49 -0.70
N GLU B 267 29.91 5.35 -1.66
CA GLU B 267 29.03 6.37 -2.21
C GLU B 267 27.83 5.77 -2.95
N TRP B 268 28.03 4.64 -3.59
CA TRP B 268 26.96 3.97 -4.33
C TRP B 268 26.14 3.04 -3.49
N THR B 269 26.64 2.69 -2.30
CA THR B 269 26.02 1.62 -1.50
C THR B 269 25.48 2.00 -0.11
N LYS B 270 25.83 3.19 0.38
CA LYS B 270 25.34 3.66 1.68
C LYS B 270 23.80 3.84 1.69
N PRO B 271 23.15 3.68 2.87
CA PRO B 271 21.68 3.64 2.96
C PRO B 271 21.00 4.93 2.49
N GLU B 272 21.70 6.04 2.60
CA GLU B 272 21.22 7.34 2.12
C GLU B 272 20.94 7.35 0.63
N ASN B 273 21.94 6.93 -0.15
CA ASN B 273 21.84 6.97 -1.60
C ASN B 273 20.98 5.86 -2.22
N LEU B 274 20.48 4.97 -1.36
CA LEU B 274 19.52 3.93 -1.76
C LEU B 274 18.11 4.20 -1.24
N ASP B 275 17.12 3.94 -2.09
CA ASP B 275 15.69 4.11 -1.77
C ASP B 275 14.98 2.76 -1.77
N PHE B 276 14.04 2.58 -0.85
CA PHE B 276 13.37 1.30 -0.68
C PHE B 276 12.11 1.14 -1.57
N ILE B 277 12.35 1.04 -2.88
CA ILE B 277 11.28 0.95 -3.89
C ILE B 277 10.77 -0.49 -4.10
N GLU B 278 9.68 -0.61 -4.85
CA GLU B 278 9.22 -1.88 -5.38
C GLU B 278 9.98 -2.15 -6.67
N VAL B 279 10.52 -3.36 -6.83
CA VAL B 279 11.39 -3.65 -7.98
C VAL B 279 11.08 -4.97 -8.68
N ASN B 280 11.02 -4.94 -10.00
CA ASN B 280 10.93 -6.14 -10.83
C ASN B 280 12.31 -6.78 -11.00
N VAL B 281 12.60 -7.79 -10.18
CA VAL B 281 13.94 -8.34 -10.09
C VAL B 281 14.10 -9.61 -10.93
N SER B 282 14.89 -9.49 -11.99
CA SER B 282 15.25 -10.64 -12.81
C SER B 282 16.72 -10.92 -12.60
N LEU B 283 17.01 -12.09 -12.04
CA LEU B 283 18.37 -12.49 -11.72
C LEU B 283 18.61 -13.92 -12.19
N PRO B 284 19.78 -14.17 -12.80
CA PRO B 284 20.09 -15.52 -13.23
C PRO B 284 20.30 -16.47 -12.07
N ARG B 285 19.79 -17.68 -12.25
CA ARG B 285 20.17 -18.81 -11.45
C ARG B 285 21.58 -19.15 -11.94
N PHE B 286 22.60 -18.95 -11.10
CA PHE B 286 23.99 -19.17 -11.53
C PHE B 286 24.96 -19.77 -10.49
N LYS B 287 26.08 -20.30 -10.97
CA LYS B 287 27.05 -21.02 -10.14
C LYS B 287 28.50 -20.64 -10.50
N LEU B 288 29.22 -20.08 -9.53
CA LEU B 288 30.64 -19.75 -9.73
C LEU B 288 31.56 -20.55 -8.79
N GLU B 289 32.47 -21.31 -9.40
CA GLU B 289 33.53 -22.01 -8.66
C GLU B 289 34.88 -21.74 -9.27
N GLU B 290 35.39 -20.55 -8.97
CA GLU B 290 36.59 -20.05 -9.60
C GLU B 290 37.77 -20.27 -8.65
N SER B 291 38.85 -20.80 -9.21
CA SER B 291 40.06 -21.15 -8.47
C SER B 291 41.25 -20.30 -8.96
N TYR B 292 42.10 -19.85 -8.03
CA TYR B 292 43.23 -18.99 -8.38
C TYR B 292 44.52 -19.37 -7.68
N THR B 293 45.62 -19.47 -8.42
CA THR B 293 46.92 -19.36 -7.78
C THR B 293 47.16 -17.87 -7.67
N LEU B 294 47.40 -17.39 -6.45
CA LEU B 294 47.47 -15.94 -6.21
C LEU B 294 48.87 -15.35 -6.27
N ASN B 295 49.88 -16.21 -6.38
CA ASN B 295 51.29 -15.81 -6.34
C ASN B 295 51.61 -14.56 -7.17
N SER B 296 51.42 -14.68 -8.48
CA SER B 296 51.82 -13.64 -9.42
C SER B 296 50.98 -12.38 -9.32
N ASP B 297 49.75 -12.53 -8.85
CA ASP B 297 48.84 -11.39 -8.68
C ASP B 297 49.21 -10.57 -7.45
N LEU B 298 49.45 -11.25 -6.34
CA LEU B 298 49.95 -10.59 -5.14
C LEU B 298 51.29 -9.90 -5.42
N ALA B 299 52.11 -10.51 -6.27
CA ALA B 299 53.38 -9.91 -6.64
C ALA B 299 53.16 -8.58 -7.37
N ARG B 300 52.19 -8.53 -8.27
CA ARG B 300 51.85 -7.30 -9.02
C ARG B 300 51.51 -6.20 -8.04
N LEU B 301 50.80 -6.57 -6.98
CA LEU B 301 50.37 -5.64 -5.96
C LEU B 301 51.47 -5.37 -4.90
N GLY B 302 52.64 -5.97 -5.06
CA GLY B 302 53.79 -5.62 -4.25
C GLY B 302 54.36 -6.69 -3.34
N VAL B 303 53.68 -7.82 -3.21
CA VAL B 303 54.18 -8.91 -2.36
C VAL B 303 55.22 -9.71 -3.11
N GLN B 304 56.48 -9.36 -2.93
CA GLN B 304 57.55 -9.91 -3.74
C GLN B 304 58.36 -11.00 -3.05
N ASP B 305 58.99 -10.66 -1.92
CA ASP B 305 59.97 -11.53 -1.28
C ASP B 305 59.39 -12.86 -0.78
N LEU B 306 58.11 -12.85 -0.43
CA LEU B 306 57.45 -14.01 0.16
C LEU B 306 57.60 -15.27 -0.70
N PHE B 307 57.63 -15.08 -2.02
CA PHE B 307 57.71 -16.22 -2.93
C PHE B 307 59.13 -16.48 -3.40
N ASN B 308 60.09 -15.90 -2.68
CA ASN B 308 61.49 -15.87 -3.10
C ASN B 308 62.46 -16.38 -2.02
N SER B 309 62.85 -17.65 -2.15
CA SER B 309 63.80 -18.31 -1.23
C SER B 309 65.02 -17.46 -0.87
N SER B 310 65.52 -16.69 -1.84
CA SER B 310 66.70 -15.85 -1.63
C SER B 310 66.44 -14.80 -0.55
N LYS B 311 65.29 -14.13 -0.67
CA LYS B 311 64.98 -12.95 0.15
C LYS B 311 63.89 -13.19 1.20
N ALA B 312 63.16 -14.30 1.08
CA ALA B 312 62.01 -14.60 1.95
C ALA B 312 62.40 -14.63 3.43
N ASP B 313 61.61 -13.96 4.26
CA ASP B 313 61.91 -13.88 5.69
C ASP B 313 60.74 -14.32 6.56
N LEU B 314 60.85 -15.56 7.04
CA LEU B 314 59.79 -16.19 7.82
C LEU B 314 60.31 -16.63 9.17
N SER B 315 61.27 -15.89 9.71
CA SER B 315 61.87 -16.24 11.00
C SER B 315 60.86 -16.36 12.14
N GLY B 316 59.64 -15.88 11.91
CA GLY B 316 58.55 -15.99 12.89
C GLY B 316 57.75 -17.27 12.77
N MET B 317 58.14 -18.13 11.83
CA MET B 317 57.49 -19.43 11.63
C MET B 317 58.45 -20.56 11.91
N SER B 318 59.67 -20.38 11.42
CA SER B 318 60.71 -21.37 11.45
C SER B 318 62.05 -20.66 11.38
N GLY B 319 63.05 -21.24 12.03
CA GLY B 319 64.41 -20.71 12.00
C GLY B 319 65.22 -21.17 10.78
N ALA B 320 64.65 -22.08 10.00
CA ALA B 320 65.32 -22.68 8.83
C ALA B 320 65.74 -21.67 7.77
N ARG B 321 66.73 -22.05 6.98
CA ARG B 321 67.42 -21.14 6.05
C ARG B 321 66.65 -20.78 4.78
N ASP B 322 66.14 -21.80 4.08
CA ASP B 322 65.74 -21.65 2.67
C ASP B 322 64.23 -21.75 2.43
N ILE B 323 63.43 -21.13 3.30
CA ILE B 323 61.97 -21.30 3.29
C ILE B 323 61.17 -20.12 2.72
N PHE B 324 60.14 -20.43 1.92
CA PHE B 324 59.32 -19.43 1.26
C PHE B 324 57.95 -20.00 0.91
N ILE B 325 57.14 -19.25 0.16
CA ILE B 325 55.83 -19.75 -0.22
C ILE B 325 55.74 -20.16 -1.68
N SER B 326 55.54 -21.45 -1.92
CA SER B 326 55.48 -21.99 -3.28
C SER B 326 54.16 -21.71 -3.96
N LYS B 327 53.07 -21.75 -3.20
CA LYS B 327 51.74 -21.54 -3.77
C LYS B 327 50.70 -21.07 -2.77
N ILE B 328 49.91 -20.09 -3.21
CA ILE B 328 48.70 -19.70 -2.50
C ILE B 328 47.54 -19.97 -3.45
N VAL B 329 46.80 -21.03 -3.14
CA VAL B 329 45.62 -21.36 -3.91
C VAL B 329 44.36 -20.91 -3.16
N HIS B 330 43.57 -20.08 -3.84
CA HIS B 330 42.26 -19.67 -3.35
C HIS B 330 41.20 -20.22 -4.25
N LYS B 331 40.07 -20.60 -3.67
CA LYS B 331 38.88 -20.95 -4.45
C LYS B 331 37.59 -20.58 -3.72
N SER B 332 36.70 -19.91 -4.44
CA SER B 332 35.37 -19.55 -3.92
C SER B 332 34.27 -20.24 -4.73
N PHE B 333 33.43 -20.98 -4.01
CA PHE B 333 32.29 -21.74 -4.57
C PHE B 333 30.99 -21.05 -4.14
N VAL B 334 30.21 -20.57 -5.11
CA VAL B 334 28.93 -19.96 -4.81
C VAL B 334 27.81 -20.52 -5.67
N GLU B 335 26.66 -20.76 -5.05
CA GLU B 335 25.47 -21.14 -5.78
C GLU B 335 24.42 -20.07 -5.52
N VAL B 336 23.70 -19.72 -6.58
CA VAL B 336 22.61 -18.77 -6.51
C VAL B 336 21.36 -19.44 -7.06
N ASN B 337 20.32 -19.49 -6.23
CA ASN B 337 19.07 -20.12 -6.61
C ASN B 337 17.86 -19.42 -6.00
N GLU B 338 16.75 -20.13 -5.91
CA GLU B 338 15.48 -19.55 -5.52
C GLU B 338 15.35 -19.33 -4.01
N GLU B 339 15.81 -20.30 -3.22
CA GLU B 339 15.78 -20.16 -1.76
C GLU B 339 16.91 -19.25 -1.28
N THR B 352 1.42 -4.62 2.20
CA THR B 352 2.81 -4.20 2.03
C THR B 352 3.03 -3.50 0.68
N PHE B 353 1.94 -3.26 -0.07
CA PHE B 353 2.05 -2.64 -1.40
C PHE B 353 0.97 -1.60 -1.77
N CYS B 354 1.42 -0.55 -2.47
CA CYS B 354 0.65 0.68 -2.71
C CYS B 354 0.58 1.06 -4.20
N MET B 355 -0.64 1.21 -4.73
CA MET B 355 -0.89 1.41 -6.18
C MET B 355 -0.32 2.70 -6.79
N ASP B 356 0.09 3.63 -5.94
CA ASP B 356 0.57 4.91 -6.41
C ASP B 356 2.06 4.87 -6.76
N ASP B 357 2.79 3.95 -6.15
CA ASP B 357 4.24 3.80 -6.34
C ASP B 357 4.65 3.54 -7.80
N PRO B 358 5.73 4.20 -8.26
CA PRO B 358 6.28 3.89 -9.58
C PRO B 358 7.03 2.56 -9.54
N GLU B 359 6.84 1.76 -10.59
CA GLU B 359 7.54 0.50 -10.72
C GLU B 359 8.95 0.77 -11.19
N GLU B 360 9.90 0.03 -10.63
CA GLU B 360 11.28 0.06 -11.10
C GLU B 360 11.71 -1.35 -11.48
N ASN B 361 12.73 -1.47 -12.32
CA ASN B 361 13.12 -2.78 -12.82
C ASN B 361 14.62 -3.03 -12.83
N PHE B 362 15.00 -4.19 -12.30
CA PHE B 362 16.39 -4.60 -12.22
C PHE B 362 16.51 -5.92 -12.98
N THR B 363 16.89 -5.80 -14.24
CA THR B 363 16.88 -6.93 -15.16
C THR B 363 18.32 -7.31 -15.52
N ALA B 364 18.85 -8.26 -14.76
CA ALA B 364 20.24 -8.66 -14.91
C ALA B 364 20.42 -9.67 -16.03
N ASP B 365 20.06 -9.26 -17.25
CA ASP B 365 20.23 -10.10 -18.44
C ASP B 365 21.50 -9.72 -19.20
N HIS B 366 22.34 -8.91 -18.57
CA HIS B 366 23.67 -8.60 -19.09
C HIS B 366 24.72 -8.59 -18.00
N PRO B 367 26.01 -8.52 -18.37
CA PRO B 367 27.09 -8.62 -17.37
C PRO B 367 26.99 -7.59 -16.24
N PHE B 368 27.31 -8.01 -15.04
CA PHE B 368 27.26 -7.15 -13.87
C PHE B 368 28.36 -7.44 -12.86
N LEU B 369 28.65 -6.44 -12.02
CA LEU B 369 29.48 -6.63 -10.83
C LEU B 369 28.58 -6.97 -9.64
N PHE B 370 29.11 -7.72 -8.68
CA PHE B 370 28.35 -8.04 -7.49
C PHE B 370 29.24 -8.40 -6.32
N PHE B 371 28.74 -8.17 -5.11
CA PHE B 371 29.43 -8.65 -3.92
C PHE B 371 28.50 -9.01 -2.76
N ILE B 372 29.03 -9.83 -1.86
CA ILE B 372 28.31 -10.25 -0.68
C ILE B 372 28.99 -9.59 0.51
N ARG B 373 28.22 -8.77 1.23
CA ARG B 373 28.78 -8.01 2.35
C ARG B 373 28.20 -8.42 3.69
N HIS B 374 29.00 -8.18 4.72
CA HIS B 374 28.63 -8.33 6.10
C HIS B 374 28.21 -6.96 6.51
N ASN B 375 26.89 -6.75 6.61
CA ASN B 375 26.31 -5.43 6.85
C ASN B 375 26.76 -4.78 8.16
N SER B 376 26.88 -5.60 9.21
CA SER B 376 27.32 -5.13 10.52
C SER B 376 28.59 -4.28 10.44
N SER B 377 29.62 -4.80 9.76
CA SER B 377 30.93 -4.14 9.70
C SER B 377 31.24 -3.47 8.36
N GLY B 378 30.49 -3.84 7.32
CA GLY B 378 30.75 -3.35 5.97
C GLY B 378 31.83 -4.17 5.27
N SER B 379 32.14 -5.32 5.84
CA SER B 379 33.15 -6.23 5.30
C SER B 379 32.64 -6.91 4.03
N ILE B 380 33.52 -6.99 3.04
CA ILE B 380 33.20 -7.68 1.79
C ILE B 380 33.73 -9.10 1.92
N LEU B 381 32.80 -10.04 2.06
CA LEU B 381 33.15 -11.45 2.06
C LEU B 381 33.49 -11.87 0.66
N PHE B 382 32.57 -11.61 -0.27
CA PHE B 382 32.71 -12.04 -1.64
C PHE B 382 32.57 -10.90 -2.59
N LEU B 383 33.25 -11.03 -3.74
CA LEU B 383 33.32 -9.97 -4.74
C LEU B 383 33.49 -10.68 -6.07
N GLY B 384 32.71 -10.27 -7.07
CA GLY B 384 32.77 -10.95 -8.34
C GLY B 384 32.17 -10.22 -9.53
N ARG B 385 32.44 -10.78 -10.71
CA ARG B 385 31.79 -10.36 -11.93
C ARG B 385 31.12 -11.59 -12.51
N PHE B 386 29.84 -11.46 -12.85
CA PHE B 386 29.18 -12.49 -13.66
C PHE B 386 28.94 -11.89 -15.03
N SER B 387 29.64 -12.42 -16.03
CA SER B 387 29.57 -11.91 -17.39
C SER B 387 29.38 -13.02 -18.43
N SER B 388 29.69 -14.25 -18.05
CA SER B 388 29.75 -15.35 -19.00
C SER B 388 29.13 -16.63 -18.44
N PRO B 389 27.86 -16.91 -18.79
CA PRO B 389 27.15 -18.09 -18.28
C PRO B 389 27.75 -19.42 -18.77
#